data_9D8D
#
_entry.id   9D8D
#
_cell.length_a   53.977
_cell.length_b   59.666
_cell.length_c   89.432
_cell.angle_alpha   93.59
_cell.angle_beta   92.61
_cell.angle_gamma   113.77
#
_symmetry.space_group_name_H-M   'P 1'
#
loop_
_entity.id
_entity.type
_entity.pdbx_description
1 polymer 'Ferrous iron transport protein B'
2 non-polymer 'PHOSPHOMETHYLPHOSPHONIC ACID GUANYLATE ESTER'
3 non-polymer GLYCEROL
4 non-polymer 'MAGNESIUM ION'
5 water water
#
_entity_poly.entity_id   1
_entity_poly.type   'polypeptide(L)'
_entity_poly.pdbx_seq_one_letter_code
;SKYQVLTVGNPNSGKTTLFNGLTGAKQQVGNWAGVTVEKKTGSFVHAGDEFSLTDLPGIYALDSGNDSNSIDESIASRAV
LTHPADVIINVVDATCLERSLYMTLQLRELRRPMIVVLNKMDALKRERVHLDLKQLEAFLGCPVLALSANNKEQVRRFKE
KLHKLLVQGIALKQIELHYGAEFESLIHELEPMFAEQAVSARALAIRALENDRLVINGLKEAERQNVEQRQHECQVDIDL
LVANVRYTYLHELCTHVRRT
;
_entity_poly.pdbx_strand_id   A,B,C,D
#
# COMPACT_ATOMS: atom_id res chain seq x y z
N SER A 1 -8.32 -1.85 -10.93
CA SER A 1 -7.62 -3.10 -10.68
C SER A 1 -8.61 -4.23 -10.48
N LYS A 2 -8.15 -5.46 -10.67
CA LYS A 2 -8.96 -6.64 -10.50
C LYS A 2 -8.30 -7.49 -9.42
N TYR A 3 -9.05 -7.83 -8.39
CA TYR A 3 -8.51 -8.59 -7.28
C TYR A 3 -9.13 -9.97 -7.27
N GLN A 4 -8.33 -10.98 -7.02
CA GLN A 4 -8.82 -12.35 -6.94
C GLN A 4 -8.92 -12.78 -5.49
N VAL A 5 -10.11 -13.20 -5.09
CA VAL A 5 -10.41 -13.55 -3.70
C VAL A 5 -10.91 -14.99 -3.65
N LEU A 6 -10.32 -15.79 -2.76
CA LEU A 6 -10.79 -17.11 -2.40
C LEU A 6 -11.47 -17.07 -1.03
N THR A 7 -12.65 -17.69 -0.90
CA THR A 7 -13.29 -17.81 0.39
C THR A 7 -13.28 -19.28 0.86
N VAL A 8 -12.83 -19.49 2.09
CA VAL A 8 -12.64 -20.83 2.61
C VAL A 8 -13.10 -20.86 4.06
N GLY A 9 -13.78 -21.92 4.45
CA GLY A 9 -14.16 -22.08 5.84
C GLY A 9 -14.77 -23.43 6.08
N ASN A 10 -15.07 -23.70 7.35
CA ASN A 10 -15.82 -24.89 7.71
C ASN A 10 -17.26 -24.79 7.20
N PRO A 11 -17.90 -25.92 6.92
CA PRO A 11 -19.35 -25.91 6.75
C PRO A 11 -20.00 -25.20 7.92
N ASN A 12 -21.12 -24.53 7.65
CA ASN A 12 -21.90 -23.81 8.64
C ASN A 12 -21.20 -22.57 9.19
N SER A 13 -20.05 -22.16 8.61
CA SER A 13 -19.38 -20.95 9.08
C SER A 13 -20.10 -19.68 8.68
N GLY A 14 -21.08 -19.76 7.78
CA GLY A 14 -21.63 -18.58 7.14
C GLY A 14 -20.86 -18.14 5.92
N LYS A 15 -19.99 -19.01 5.38
CA LYS A 15 -19.19 -18.65 4.22
C LYS A 15 -20.08 -18.29 3.04
N THR A 16 -21.10 -19.12 2.78
CA THR A 16 -22.05 -18.87 1.69
C THR A 16 -22.82 -17.58 1.90
N THR A 17 -23.16 -17.27 3.15
CA THR A 17 -23.91 -16.05 3.43
C THR A 17 -23.07 -14.81 3.10
N LEU A 18 -21.81 -14.82 3.51
CA LEU A 18 -20.92 -13.72 3.17
C LEU A 18 -20.73 -13.62 1.66
N PHE A 19 -20.53 -14.76 1.00
CA PHE A 19 -20.34 -14.78 -0.46
C PHE A 19 -21.53 -14.16 -1.17
N ASN A 20 -22.73 -14.60 -0.81
CA ASN A 20 -23.94 -14.04 -1.40
C ASN A 20 -24.07 -12.56 -1.10
N GLY A 21 -23.73 -12.14 0.12
CA GLY A 21 -23.84 -10.74 0.47
C GLY A 21 -22.92 -9.84 -0.34
N LEU A 22 -21.77 -10.37 -0.76
CA LEU A 22 -20.78 -9.60 -1.48
C LEU A 22 -21.09 -9.57 -2.99
N THR A 23 -21.58 -10.66 -3.55
CA THR A 23 -21.77 -10.79 -4.99
C THR A 23 -23.23 -10.63 -5.43
N GLY A 24 -24.19 -10.91 -4.56
CA GLY A 24 -25.59 -10.77 -4.93
C GLY A 24 -25.91 -11.64 -6.12
N ALA A 25 -26.62 -11.07 -7.09
CA ALA A 25 -26.98 -11.82 -8.28
C ALA A 25 -25.82 -12.09 -9.22
N LYS A 26 -24.66 -11.47 -8.99
CA LYS A 26 -23.53 -11.60 -9.93
C LYS A 26 -22.69 -12.83 -9.57
N GLN A 27 -23.29 -13.99 -9.80
CA GLN A 27 -22.66 -15.26 -9.46
C GLN A 27 -22.85 -16.25 -10.59
N GLN A 28 -21.94 -17.22 -10.66
CA GLN A 28 -22.00 -18.30 -11.62
C GLN A 28 -21.71 -19.61 -10.89
N VAL A 29 -22.25 -20.71 -11.43
CA VAL A 29 -21.97 -22.05 -10.92
C VAL A 29 -21.42 -22.90 -12.06
N GLY A 30 -20.31 -23.57 -11.83
CA GLY A 30 -19.80 -24.51 -12.80
C GLY A 30 -19.25 -25.75 -12.13
N ASN A 31 -18.16 -26.30 -12.66
CA ASN A 31 -17.51 -27.46 -12.08
C ASN A 31 -16.05 -27.16 -11.82
N TRP A 32 -15.49 -27.81 -10.82
CA TRP A 32 -14.04 -27.77 -10.63
C TRP A 32 -13.36 -28.62 -11.69
N ALA A 33 -12.23 -28.13 -12.19
CA ALA A 33 -11.59 -28.74 -13.34
C ALA A 33 -11.13 -30.15 -13.01
N GLY A 34 -11.73 -31.14 -13.68
CA GLY A 34 -11.37 -32.52 -13.50
C GLY A 34 -12.32 -33.34 -12.66
N VAL A 35 -13.34 -32.72 -12.06
CA VAL A 35 -14.28 -33.40 -11.17
C VAL A 35 -15.68 -32.85 -11.42
N THR A 36 -16.67 -33.42 -10.72
CA THR A 36 -18.08 -33.01 -10.83
C THR A 36 -18.50 -32.03 -9.74
N VAL A 37 -17.62 -31.68 -8.79
CA VAL A 37 -18.00 -30.81 -7.69
C VAL A 37 -18.33 -29.41 -8.21
N GLU A 38 -19.39 -28.82 -7.66
CA GLU A 38 -19.85 -27.50 -8.06
C GLU A 38 -18.78 -26.44 -7.78
N LYS A 39 -18.60 -25.53 -8.74
CA LYS A 39 -17.68 -24.40 -8.58
C LYS A 39 -18.48 -23.12 -8.63
N LYS A 40 -18.41 -22.34 -7.56
CA LYS A 40 -19.20 -21.13 -7.38
C LYS A 40 -18.26 -19.93 -7.44
N THR A 41 -18.50 -19.05 -8.40
CA THR A 41 -17.70 -17.84 -8.59
C THR A 41 -18.63 -16.65 -8.64
N GLY A 42 -18.09 -15.50 -8.24
CA GLY A 42 -18.85 -14.27 -8.34
C GLY A 42 -17.93 -13.07 -8.41
N SER A 43 -18.53 -11.90 -8.65
CA SER A 43 -17.76 -10.68 -8.67
C SER A 43 -18.56 -9.55 -8.04
N PHE A 44 -17.81 -8.51 -7.63
CA PHE A 44 -18.38 -7.21 -7.34
C PHE A 44 -17.36 -6.14 -7.66
N VAL A 45 -17.85 -4.94 -7.89
CA VAL A 45 -17.03 -3.75 -8.12
C VAL A 45 -17.11 -2.87 -6.88
N HIS A 46 -15.98 -2.30 -6.47
CA HIS A 46 -16.05 -1.38 -5.35
C HIS A 46 -15.00 -0.29 -5.54
N ALA A 47 -15.46 0.96 -5.44
CA ALA A 47 -14.58 2.13 -5.57
C ALA A 47 -13.69 2.05 -6.82
N GLY A 48 -14.27 1.60 -7.93
CA GLY A 48 -13.57 1.54 -9.20
C GLY A 48 -12.78 0.28 -9.50
N ASP A 49 -12.61 -0.61 -8.52
CA ASP A 49 -11.86 -1.85 -8.70
C ASP A 49 -12.80 -3.04 -8.75
N GLU A 50 -12.39 -4.08 -9.46
CA GLU A 50 -13.16 -5.30 -9.59
C GLU A 50 -12.63 -6.36 -8.63
N PHE A 51 -13.55 -7.13 -8.07
CA PHE A 51 -13.24 -8.20 -7.11
C PHE A 51 -13.80 -9.52 -7.64
N SER A 52 -12.92 -10.46 -7.91
CA SER A 52 -13.29 -11.74 -8.50
C SER A 52 -13.23 -12.80 -7.42
N LEU A 53 -14.37 -13.42 -7.12
CA LEU A 53 -14.47 -14.34 -5.98
C LEU A 53 -14.67 -15.80 -6.40
N THR A 54 -13.91 -16.69 -5.77
CA THR A 54 -14.10 -18.13 -5.94
C THR A 54 -14.35 -18.75 -4.57
N ASP A 55 -15.45 -19.46 -4.43
CA ASP A 55 -15.81 -20.06 -3.14
C ASP A 55 -15.25 -21.47 -3.05
N LEU A 56 -14.63 -21.79 -1.94
CA LEU A 56 -14.25 -23.19 -1.86
C LEU A 56 -15.28 -24.00 -1.07
N PRO A 57 -15.49 -25.28 -1.45
CA PRO A 57 -16.37 -26.15 -0.67
C PRO A 57 -15.95 -26.21 0.79
N GLY A 58 -16.93 -26.19 1.67
CA GLY A 58 -16.66 -26.22 3.10
C GLY A 58 -15.89 -27.44 3.54
N ILE A 59 -14.83 -27.23 4.34
CA ILE A 59 -13.97 -28.30 4.80
C ILE A 59 -13.53 -27.93 6.22
N TYR A 60 -13.18 -28.97 6.99
CA TYR A 60 -12.67 -28.83 8.34
C TYR A 60 -11.16 -28.83 8.44
N ALA A 61 -10.47 -29.36 7.43
CA ALA A 61 -9.00 -29.41 7.40
C ALA A 61 -8.55 -29.55 5.94
N LEU A 62 -7.27 -29.27 5.69
CA LEU A 62 -6.66 -29.48 4.38
C LEU A 62 -6.36 -30.95 4.15
N ASP A 63 -6.13 -31.32 2.89
CA ASP A 63 -5.93 -32.72 2.51
C ASP A 63 -4.74 -33.32 3.25
N SER A 64 -4.94 -34.51 3.84
CA SER A 64 -3.84 -35.21 4.50
C SER A 64 -3.75 -36.66 4.04
N GLY A 65 -4.14 -36.94 2.79
CA GLY A 65 -4.01 -38.28 2.29
C GLY A 65 -4.78 -39.31 3.08
N ASN A 66 -5.92 -38.92 3.62
CA ASN A 66 -6.73 -39.79 4.47
C ASN A 66 -7.76 -40.48 3.60
N ASP A 67 -7.87 -41.80 3.76
CA ASP A 67 -8.78 -42.58 2.93
C ASP A 67 -10.21 -42.08 3.02
N SER A 68 -10.57 -41.40 4.12
CA SER A 68 -11.84 -40.69 4.21
C SER A 68 -12.07 -39.87 2.93
N ASN A 69 -13.10 -40.25 2.17
CA ASN A 69 -13.23 -39.92 0.75
C ASN A 69 -12.95 -38.46 0.44
N SER A 70 -13.83 -37.56 0.89
CA SER A 70 -13.58 -36.12 0.94
C SER A 70 -12.90 -35.59 -0.34
N ILE A 71 -13.67 -35.60 -1.43
CA ILE A 71 -13.24 -34.91 -2.64
C ILE A 71 -13.11 -33.41 -2.39
N ASP A 72 -14.00 -32.86 -1.56
CA ASP A 72 -13.97 -31.43 -1.26
C ASP A 72 -12.65 -31.01 -0.63
N GLU A 73 -12.12 -31.81 0.30
CA GLU A 73 -10.90 -31.38 0.95
C GLU A 73 -9.73 -31.39 -0.02
N SER A 74 -9.74 -32.31 -0.98
CA SER A 74 -8.72 -32.30 -2.01
C SER A 74 -8.84 -31.03 -2.86
N ILE A 75 -10.07 -30.69 -3.24
CA ILE A 75 -10.28 -29.50 -4.08
C ILE A 75 -9.84 -28.25 -3.34
N ALA A 76 -10.23 -28.12 -2.08
CA ALA A 76 -9.84 -26.96 -1.29
C ALA A 76 -8.33 -26.95 -1.06
N SER A 77 -7.73 -28.12 -0.81
CA SER A 77 -6.28 -28.16 -0.66
C SER A 77 -5.59 -27.72 -1.94
N ARG A 78 -6.05 -28.22 -3.10
CA ARG A 78 -5.46 -27.79 -4.34
C ARG A 78 -5.61 -26.29 -4.53
N ALA A 79 -6.81 -25.77 -4.33
CA ALA A 79 -7.06 -24.36 -4.58
C ALA A 79 -6.23 -23.50 -3.65
N VAL A 80 -6.14 -23.90 -2.39
CA VAL A 80 -5.42 -23.10 -1.41
C VAL A 80 -3.91 -23.08 -1.72
N LEU A 81 -3.42 -24.10 -2.42
CA LEU A 81 -2.01 -24.19 -2.78
C LEU A 81 -1.69 -23.52 -4.10
N THR A 82 -2.59 -23.62 -5.09
CA THR A 82 -2.28 -23.27 -6.46
C THR A 82 -3.26 -22.31 -7.11
N HIS A 83 -4.41 -22.06 -6.49
CA HIS A 83 -5.33 -21.14 -7.17
C HIS A 83 -4.86 -19.71 -6.96
N PRO A 84 -4.85 -18.88 -8.01
CA PRO A 84 -4.46 -17.48 -7.81
C PRO A 84 -5.41 -16.80 -6.83
N ALA A 85 -4.84 -15.95 -5.99
CA ALA A 85 -5.62 -15.20 -5.03
C ALA A 85 -4.77 -14.06 -4.51
N ASP A 86 -5.28 -12.86 -4.62
CA ASP A 86 -4.66 -11.77 -3.89
C ASP A 86 -4.92 -11.92 -2.40
N VAL A 87 -6.03 -12.54 -2.01
CA VAL A 87 -6.27 -12.77 -0.59
C VAL A 87 -7.15 -14.00 -0.43
N ILE A 88 -6.85 -14.78 0.59
CA ILE A 88 -7.73 -15.85 1.03
C ILE A 88 -8.55 -15.30 2.18
N ILE A 89 -9.87 -15.31 2.04
CA ILE A 89 -10.76 -14.93 3.13
C ILE A 89 -11.17 -16.21 3.88
N ASN A 90 -10.65 -16.36 5.08
CA ASN A 90 -10.97 -17.51 5.93
C ASN A 90 -12.13 -17.06 6.86
N VAL A 91 -13.33 -17.52 6.55
CA VAL A 91 -14.52 -17.24 7.35
C VAL A 91 -14.63 -18.24 8.50
N VAL A 92 -14.66 -17.73 9.73
CA VAL A 92 -14.62 -18.55 10.94
C VAL A 92 -15.84 -18.27 11.80
N ASP A 93 -16.49 -19.33 12.28
CA ASP A 93 -17.63 -19.19 13.20
C ASP A 93 -17.09 -18.88 14.58
N ALA A 94 -17.24 -17.62 15.00
CA ALA A 94 -16.70 -17.16 16.27
C ALA A 94 -17.29 -17.88 17.48
N THR A 95 -18.46 -18.48 17.36
CA THR A 95 -18.98 -19.25 18.47
C THR A 95 -18.27 -20.59 18.63
N CYS A 96 -17.37 -20.94 17.71
CA CYS A 96 -16.75 -22.25 17.73
C CYS A 96 -15.24 -22.16 17.42
N LEU A 97 -14.53 -21.29 18.14
CA LEU A 97 -13.18 -20.90 17.73
C LEU A 97 -12.18 -22.05 17.75
N GLU A 98 -12.20 -22.87 18.81
CA GLU A 98 -11.14 -23.87 18.96
C GLU A 98 -11.16 -24.85 17.80
N ARG A 99 -12.35 -25.24 17.34
CA ARG A 99 -12.37 -26.17 16.21
C ARG A 99 -12.16 -25.44 14.89
N SER A 100 -12.77 -24.25 14.74
CA SER A 100 -12.72 -23.56 13.46
C SER A 100 -11.31 -23.08 13.14
N LEU A 101 -10.55 -22.69 14.15
CA LEU A 101 -9.22 -22.18 13.89
C LEU A 101 -8.22 -23.27 13.58
N TYR A 102 -8.62 -24.54 13.56
CA TYR A 102 -7.66 -25.58 13.21
C TYR A 102 -7.16 -25.37 11.78
N MET A 103 -8.09 -25.27 10.83
CA MET A 103 -7.70 -25.02 9.45
C MET A 103 -7.06 -23.64 9.28
N THR A 104 -7.52 -22.64 10.04
CA THR A 104 -6.86 -21.35 10.06
C THR A 104 -5.36 -21.50 10.26
N LEU A 105 -4.95 -22.34 11.22
CA LEU A 105 -3.52 -22.53 11.46
C LEU A 105 -2.84 -23.14 10.25
N GLN A 106 -3.50 -24.10 9.59
CA GLN A 106 -2.89 -24.70 8.40
C GLN A 106 -2.73 -23.67 7.30
N LEU A 107 -3.76 -22.82 7.11
CA LEU A 107 -3.69 -21.79 6.09
C LEU A 107 -2.58 -20.82 6.41
N ARG A 108 -2.46 -20.42 7.68
CA ARG A 108 -1.41 -19.48 8.08
C ARG A 108 -0.03 -20.03 7.74
N GLU A 109 0.15 -21.35 7.88
CA GLU A 109 1.46 -21.91 7.62
C GLU A 109 1.86 -21.77 6.15
N LEU A 110 0.88 -21.65 5.25
CA LEU A 110 1.18 -21.47 3.82
C LEU A 110 1.85 -20.15 3.52
N ARG A 111 1.59 -19.13 4.34
CA ARG A 111 2.15 -17.78 4.23
C ARG A 111 1.65 -17.02 3.00
N ARG A 112 0.51 -17.42 2.44
CA ARG A 112 -0.25 -16.69 1.43
C ARG A 112 -1.02 -15.53 2.09
N PRO A 113 -1.16 -14.38 1.40
CA PRO A 113 -1.98 -13.30 1.98
C PRO A 113 -3.35 -13.83 2.39
N MET A 114 -3.73 -13.62 3.64
CA MET A 114 -5.04 -14.10 4.08
C MET A 114 -5.56 -13.15 5.12
N ILE A 115 -6.88 -13.17 5.31
CA ILE A 115 -7.53 -12.53 6.45
C ILE A 115 -8.50 -13.51 7.08
N VAL A 116 -8.67 -13.38 8.39
CA VAL A 116 -9.63 -14.16 9.16
C VAL A 116 -10.86 -13.30 9.38
N VAL A 117 -12.01 -13.81 8.97
CA VAL A 117 -13.28 -13.13 9.18
C VAL A 117 -14.02 -13.93 10.25
N LEU A 118 -14.17 -13.35 11.44
CA LEU A 118 -14.96 -13.94 12.51
C LEU A 118 -16.42 -13.66 12.20
N ASN A 119 -17.17 -14.68 11.84
CA ASN A 119 -18.58 -14.48 11.52
C ASN A 119 -19.42 -14.83 12.77
N LYS A 120 -20.69 -14.42 12.73
CA LYS A 120 -21.68 -14.72 13.78
C LYS A 120 -21.33 -14.05 15.09
N MET A 121 -20.83 -12.82 15.02
CA MET A 121 -20.53 -12.09 16.24
C MET A 121 -21.79 -11.71 17.01
N ASP A 122 -22.94 -11.67 16.32
CA ASP A 122 -24.22 -11.45 16.99
C ASP A 122 -24.59 -12.62 17.88
N ALA A 123 -24.30 -13.85 17.43
CA ALA A 123 -24.53 -15.02 18.28
C ALA A 123 -23.62 -14.98 19.51
N LEU A 124 -22.38 -14.54 19.33
CA LEU A 124 -21.46 -14.42 20.45
C LEU A 124 -21.98 -13.44 21.49
N LYS A 125 -22.43 -12.27 21.04
CA LYS A 125 -22.94 -11.27 21.97
C LYS A 125 -24.19 -11.77 22.69
N ARG A 126 -24.97 -12.63 22.04
CA ARG A 126 -26.09 -13.26 22.72
C ARG A 126 -25.63 -14.18 23.85
N GLU A 127 -24.52 -14.89 23.63
CA GLU A 127 -23.90 -15.72 24.65
C GLU A 127 -23.15 -14.89 25.69
N ARG A 128 -23.02 -13.57 25.47
CA ARG A 128 -22.31 -12.65 26.37
C ARG A 128 -20.82 -12.98 26.45
N VAL A 129 -20.22 -13.32 25.32
CA VAL A 129 -18.82 -13.68 25.24
C VAL A 129 -18.08 -12.56 24.50
N HIS A 130 -16.93 -12.14 25.03
CA HIS A 130 -16.10 -11.12 24.39
C HIS A 130 -14.80 -11.74 23.88
N LEU A 131 -14.43 -11.39 22.65
CA LEU A 131 -13.16 -11.80 22.04
C LEU A 131 -12.22 -10.61 21.96
N ASP A 132 -11.03 -10.75 22.53
CA ASP A 132 -9.99 -9.73 22.43
C ASP A 132 -9.37 -9.84 21.03
N LEU A 133 -9.80 -8.97 20.11
CA LEU A 133 -9.44 -9.12 18.70
C LEU A 133 -7.98 -8.78 18.44
N LYS A 134 -7.41 -7.84 19.22
CA LYS A 134 -6.00 -7.54 19.09
C LYS A 134 -5.15 -8.73 19.49
N GLN A 135 -5.52 -9.39 20.59
CA GLN A 135 -4.86 -10.62 20.99
C GLN A 135 -4.95 -11.68 19.89
N LEU A 136 -6.11 -11.75 19.23
CA LEU A 136 -6.30 -12.73 18.17
C LEU A 136 -5.40 -12.45 16.96
N GLU A 137 -5.30 -11.18 16.55
CA GLU A 137 -4.35 -10.81 15.51
C GLU A 137 -2.92 -11.14 15.93
N ALA A 138 -2.60 -10.89 17.20
CA ALA A 138 -1.27 -11.23 17.69
C ALA A 138 -0.98 -12.72 17.56
N PHE A 139 -1.95 -13.58 17.87
CA PHE A 139 -1.70 -15.02 17.80
C PHE A 139 -1.73 -15.55 16.37
N LEU A 140 -2.55 -14.97 15.49
CA LEU A 140 -2.63 -15.49 14.14
C LEU A 140 -1.63 -14.86 13.20
N GLY A 141 -1.23 -13.61 13.46
CA GLY A 141 -0.29 -12.90 12.59
C GLY A 141 -0.86 -12.51 11.24
N CYS A 142 -2.13 -12.12 11.20
CA CYS A 142 -2.80 -11.73 9.96
C CYS A 142 -4.02 -10.92 10.33
N PRO A 143 -4.57 -10.13 9.42
CA PRO A 143 -5.71 -9.28 9.78
C PRO A 143 -6.89 -10.14 10.23
N VAL A 144 -7.57 -9.69 11.28
CA VAL A 144 -8.76 -10.37 11.79
C VAL A 144 -9.89 -9.36 11.82
N LEU A 145 -10.96 -9.64 11.07
CA LEU A 145 -12.14 -8.79 11.04
C LEU A 145 -13.35 -9.54 11.59
N ALA A 146 -14.21 -8.85 12.30
CA ALA A 146 -15.35 -9.49 12.97
C ALA A 146 -16.63 -8.87 12.42
N LEU A 147 -17.62 -9.69 12.12
CA LEU A 147 -18.88 -9.16 11.58
C LEU A 147 -19.99 -10.19 11.79
N SER A 148 -21.18 -9.84 11.32
CA SER A 148 -22.26 -10.80 11.08
C SER A 148 -22.64 -10.73 9.61
N ALA A 149 -22.46 -11.85 8.90
CA ALA A 149 -22.66 -11.88 7.44
C ALA A 149 -24.11 -11.74 7.05
N ASN A 150 -25.05 -11.90 7.99
CA ASN A 150 -26.45 -11.60 7.72
C ASN A 150 -26.80 -10.12 7.93
N ASN A 151 -25.84 -9.27 8.27
CA ASN A 151 -26.07 -7.84 8.46
C ASN A 151 -25.51 -7.13 7.24
N LYS A 152 -26.41 -6.60 6.40
CA LYS A 152 -25.99 -5.96 5.16
C LYS A 152 -25.02 -4.83 5.42
N GLU A 153 -25.28 -4.03 6.45
CA GLU A 153 -24.45 -2.87 6.72
C GLU A 153 -23.02 -3.29 7.08
N GLN A 154 -22.88 -4.32 7.92
CA GLN A 154 -21.55 -4.82 8.27
C GLN A 154 -20.86 -5.49 7.09
N VAL A 155 -21.62 -6.08 6.17
CA VAL A 155 -21.02 -6.62 4.96
C VAL A 155 -20.51 -5.47 4.08
N ARG A 156 -21.29 -4.39 3.96
CA ARG A 156 -20.84 -3.23 3.21
C ARG A 156 -19.57 -2.63 3.83
N ARG A 157 -19.53 -2.56 5.16
CA ARG A 157 -18.32 -2.09 5.83
C ARG A 157 -17.16 -3.04 5.58
N PHE A 158 -17.44 -4.34 5.49
CA PHE A 158 -16.39 -5.31 5.24
C PHE A 158 -15.75 -5.09 3.86
N LYS A 159 -16.55 -4.75 2.85
CA LYS A 159 -16.00 -4.45 1.53
C LYS A 159 -14.96 -3.33 1.61
N GLU A 160 -15.29 -2.22 2.30
CA GLU A 160 -14.34 -1.12 2.40
C GLU A 160 -13.05 -1.58 3.07
N LYS A 161 -13.16 -2.32 4.18
CA LYS A 161 -11.94 -2.74 4.86
C LYS A 161 -11.16 -3.73 4.02
N LEU A 162 -11.85 -4.64 3.34
CA LEU A 162 -11.17 -5.60 2.47
C LEU A 162 -10.48 -4.89 1.32
N HIS A 163 -11.17 -3.93 0.68
CA HIS A 163 -10.56 -3.16 -0.41
C HIS A 163 -9.31 -2.42 0.06
N LYS A 164 -9.37 -1.82 1.25
CA LYS A 164 -8.21 -1.08 1.78
C LYS A 164 -7.02 -2.01 1.99
N LEU A 165 -7.28 -3.20 2.57
CA LEU A 165 -6.21 -4.15 2.87
C LEU A 165 -5.58 -4.69 1.60
N LEU A 166 -6.37 -4.88 0.55
CA LEU A 166 -5.80 -5.30 -0.73
C LEU A 166 -4.96 -4.21 -1.37
N VAL A 167 -5.36 -2.93 -1.23
CA VAL A 167 -4.54 -1.87 -1.82
C VAL A 167 -3.23 -1.72 -1.03
N GLN A 168 -3.31 -1.89 0.29
CA GLN A 168 -2.13 -1.79 1.15
C GLN A 168 -1.19 -2.97 0.94
N GLY A 169 -1.73 -4.13 0.61
CA GLY A 169 -0.96 -5.35 0.65
C GLY A 169 -1.05 -5.93 2.04
N ILE A 170 -1.07 -7.25 2.20
CA ILE A 170 -1.38 -7.83 3.49
C ILE A 170 -0.07 -8.20 4.19
N ALA A 171 0.13 -7.61 5.38
CA ALA A 171 1.35 -7.78 6.17
C ALA A 171 1.20 -8.95 7.12
N LEU A 172 1.96 -10.02 6.90
CA LEU A 172 1.89 -11.23 7.72
C LEU A 172 3.02 -11.24 8.72
N LYS A 173 2.73 -11.71 9.92
CA LYS A 173 3.71 -11.82 11.00
C LYS A 173 3.89 -13.29 11.36
N GLN A 174 5.14 -13.69 11.59
CA GLN A 174 5.50 -15.11 11.71
C GLN A 174 4.67 -15.79 12.79
N ILE A 175 4.19 -16.98 12.48
CA ILE A 175 3.34 -17.72 13.41
C ILE A 175 4.22 -18.72 14.17
N GLU A 176 4.32 -18.51 15.48
CA GLU A 176 5.17 -19.28 16.38
C GLU A 176 4.50 -20.62 16.69
N LEU A 177 4.49 -21.49 15.68
CA LEU A 177 4.06 -22.88 15.82
C LEU A 177 5.29 -23.77 15.73
N HIS A 178 5.68 -24.34 16.86
CA HIS A 178 6.84 -25.21 16.92
C HIS A 178 6.38 -26.60 17.29
N TYR A 179 6.79 -27.61 16.52
CA TYR A 179 6.27 -28.96 16.63
C TYR A 179 7.16 -29.86 17.45
N GLY A 180 8.13 -29.31 18.15
CA GLY A 180 8.99 -30.20 18.91
C GLY A 180 10.25 -30.51 18.14
N ALA A 181 11.34 -30.71 18.90
CA ALA A 181 12.67 -30.82 18.31
C ALA A 181 12.72 -31.86 17.18
N GLU A 182 12.08 -33.02 17.37
CA GLU A 182 12.23 -34.13 16.44
C GLU A 182 11.51 -33.85 15.12
N PHE A 183 10.27 -33.38 15.19
CA PHE A 183 9.52 -33.11 13.97
C PHE A 183 10.07 -31.89 13.26
N GLU A 184 10.48 -30.88 14.03
CA GLU A 184 11.12 -29.71 13.44
C GLU A 184 12.36 -30.09 12.64
N SER A 185 13.12 -31.08 13.11
CA SER A 185 14.29 -31.46 12.32
C SER A 185 13.89 -32.21 11.06
N LEU A 186 12.77 -32.95 11.13
CA LEU A 186 12.24 -33.58 9.93
C LEU A 186 11.77 -32.54 8.91
N ILE A 187 11.08 -31.50 9.38
CA ILE A 187 10.73 -30.41 8.47
C ILE A 187 11.99 -29.82 7.86
N HIS A 188 13.01 -29.61 8.68
CA HIS A 188 14.26 -29.03 8.25
C HIS A 188 14.97 -29.91 7.21
N GLU A 189 14.93 -31.23 7.40
CA GLU A 189 15.53 -32.11 6.39
C GLU A 189 14.80 -31.97 5.06
N LEU A 190 13.47 -31.83 5.09
CA LEU A 190 12.68 -31.85 3.86
C LEU A 190 12.56 -30.50 3.18
N GLU A 191 12.70 -29.39 3.90
CA GLU A 191 12.44 -28.08 3.29
C GLU A 191 13.19 -27.81 1.99
N PRO A 192 14.46 -28.18 1.82
CA PRO A 192 15.15 -27.80 0.56
C PRO A 192 14.49 -28.37 -0.68
N MET A 193 13.78 -29.49 -0.58
CA MET A 193 13.15 -30.05 -1.76
C MET A 193 11.90 -29.31 -2.15
N PHE A 194 11.37 -28.46 -1.27
CA PHE A 194 10.22 -27.63 -1.59
C PHE A 194 10.60 -26.16 -1.74
N ALA A 195 11.89 -25.85 -1.84
CA ALA A 195 12.30 -24.49 -2.17
C ALA A 195 11.84 -24.13 -3.57
N GLU A 196 11.67 -22.83 -3.81
CA GLU A 196 11.33 -22.34 -5.15
C GLU A 196 9.98 -22.85 -5.59
N GLN A 197 9.04 -22.86 -4.66
CA GLN A 197 7.63 -23.13 -4.95
C GLN A 197 6.81 -21.87 -4.68
N ALA A 198 5.55 -21.92 -5.10
CA ALA A 198 4.61 -20.82 -4.97
C ALA A 198 4.14 -20.63 -3.55
N VAL A 199 4.48 -21.56 -2.66
CA VAL A 199 4.06 -21.58 -1.28
C VAL A 199 5.31 -21.82 -0.43
N SER A 200 5.23 -21.44 0.84
CA SER A 200 6.26 -21.69 1.86
C SER A 200 6.82 -23.12 1.81
N ALA A 201 8.15 -23.21 1.73
CA ALA A 201 8.79 -24.52 1.77
C ALA A 201 8.50 -25.24 3.08
N ARG A 202 8.48 -24.51 4.20
CA ARG A 202 8.15 -25.11 5.49
C ARG A 202 6.76 -25.74 5.44
N ALA A 203 5.78 -24.98 4.93
CA ALA A 203 4.41 -25.47 4.82
C ALA A 203 4.35 -26.75 4.01
N LEU A 204 5.01 -26.74 2.83
CA LEU A 204 4.96 -27.91 1.95
C LEU A 204 5.62 -29.10 2.60
N ALA A 205 6.73 -28.88 3.30
CA ALA A 205 7.38 -29.97 4.01
C ALA A 205 6.45 -30.57 5.07
N ILE A 206 5.74 -29.70 5.81
CA ILE A 206 4.80 -30.20 6.81
C ILE A 206 3.67 -30.98 6.14
N ARG A 207 3.07 -30.40 5.10
CA ARG A 207 1.97 -31.06 4.39
C ARG A 207 2.42 -32.38 3.81
N ALA A 208 3.65 -32.43 3.26
CA ALA A 208 4.18 -33.71 2.78
C ALA A 208 4.38 -34.70 3.90
N LEU A 209 4.75 -34.23 5.10
CA LEU A 209 4.87 -35.14 6.22
C LEU A 209 3.48 -35.56 6.70
N GLU A 210 2.47 -34.71 6.52
CA GLU A 210 1.07 -35.04 6.78
C GLU A 210 0.46 -35.86 5.67
N ASN A 211 1.21 -36.10 4.59
CA ASN A 211 0.81 -36.91 3.44
C ASN A 211 -0.26 -36.23 2.57
N ASP A 212 -0.28 -34.90 2.52
CA ASP A 212 -1.14 -34.15 1.61
C ASP A 212 -0.96 -34.64 0.16
N ARG A 213 -2.05 -35.15 -0.42
CA ARG A 213 -1.97 -35.79 -1.74
C ARG A 213 -1.46 -34.81 -2.79
N LEU A 214 -1.89 -33.55 -2.70
CA LEU A 214 -1.52 -32.56 -3.70
C LEU A 214 -0.02 -32.30 -3.69
N VAL A 215 0.63 -32.43 -2.54
CA VAL A 215 2.07 -32.26 -2.46
C VAL A 215 2.79 -33.52 -2.92
N ILE A 216 2.40 -34.68 -2.38
CA ILE A 216 3.09 -35.92 -2.69
C ILE A 216 3.00 -36.24 -4.18
N ASN A 217 1.85 -35.95 -4.79
CA ASN A 217 1.62 -36.41 -6.16
C ASN A 217 2.60 -35.77 -7.13
N GLY A 218 2.88 -34.48 -6.98
CA GLY A 218 3.82 -33.80 -7.86
C GLY A 218 5.26 -34.24 -7.71
N LEU A 219 5.59 -35.00 -6.67
CA LEU A 219 6.96 -35.41 -6.45
C LEU A 219 7.36 -36.55 -7.39
N LYS A 220 8.62 -36.53 -7.80
CA LYS A 220 9.22 -37.66 -8.48
C LYS A 220 9.45 -38.81 -7.50
N GLU A 221 9.63 -40.01 -8.04
CA GLU A 221 9.62 -41.21 -7.19
C GLU A 221 10.70 -41.15 -6.12
N ALA A 222 11.89 -40.65 -6.46
CA ALA A 222 12.95 -40.55 -5.47
C ALA A 222 12.59 -39.55 -4.37
N GLU A 223 12.01 -38.41 -4.75
CA GLU A 223 11.55 -37.45 -3.75
C GLU A 223 10.45 -38.05 -2.87
N ARG A 224 9.55 -38.83 -3.47
CA ARG A 224 8.55 -39.54 -2.67
C ARG A 224 9.20 -40.47 -1.67
N GLN A 225 10.25 -41.18 -2.09
CA GLN A 225 10.91 -42.10 -1.18
C GLN A 225 11.62 -41.37 -0.05
N ASN A 226 12.13 -40.17 -0.31
CA ASN A 226 12.73 -39.38 0.76
C ASN A 226 11.68 -38.92 1.75
N VAL A 227 10.50 -38.55 1.27
CA VAL A 227 9.43 -38.16 2.17
C VAL A 227 8.98 -39.36 3.01
N GLU A 228 8.71 -40.50 2.37
CA GLU A 228 8.19 -41.64 3.13
C GLU A 228 9.22 -42.17 4.12
N GLN A 229 10.52 -42.07 3.79
CA GLN A 229 11.55 -42.44 4.76
C GLN A 229 11.59 -41.50 5.95
N ARG A 230 11.45 -40.20 5.71
CA ARG A 230 11.37 -39.26 6.83
C ARG A 230 10.18 -39.58 7.72
N GLN A 231 9.07 -40.00 7.13
CA GLN A 231 7.86 -40.28 7.89
C GLN A 231 8.09 -41.40 8.90
N HIS A 232 8.78 -42.47 8.50
CA HIS A 232 9.08 -43.54 9.45
C HIS A 232 10.15 -43.16 10.46
N GLU A 233 10.92 -42.09 10.21
CA GLU A 233 11.86 -41.65 11.22
C GLU A 233 11.15 -40.99 12.40
N CYS A 234 9.88 -40.62 12.23
CA CYS A 234 9.12 -40.02 13.32
C CYS A 234 8.70 -41.11 14.31
N GLN A 235 9.16 -40.98 15.55
CA GLN A 235 8.86 -41.95 16.60
C GLN A 235 7.39 -41.96 16.99
N VAL A 236 6.64 -40.90 16.70
CA VAL A 236 5.23 -40.86 17.06
C VAL A 236 4.40 -40.75 15.79
N ASP A 237 3.09 -40.84 15.98
CA ASP A 237 2.16 -40.68 14.88
C ASP A 237 2.12 -39.22 14.48
N ILE A 238 2.42 -38.96 13.19
CA ILE A 238 2.52 -37.60 12.69
C ILE A 238 1.17 -36.90 12.75
N ASP A 239 0.10 -37.61 12.41
CA ASP A 239 -1.22 -36.96 12.44
C ASP A 239 -1.59 -36.55 13.87
N LEU A 240 -1.32 -37.41 14.86
CA LEU A 240 -1.60 -37.03 16.25
C LEU A 240 -0.69 -35.89 16.70
N LEU A 241 0.60 -35.95 16.32
CA LEU A 241 1.55 -34.95 16.78
C LEU A 241 1.16 -33.56 16.30
N VAL A 242 0.87 -33.38 15.00
CA VAL A 242 0.54 -32.04 14.54
C VAL A 242 -0.79 -31.58 15.14
N ALA A 243 -1.76 -32.50 15.28
CA ALA A 243 -3.01 -32.11 15.93
C ALA A 243 -2.77 -31.61 17.35
N ASN A 244 -2.00 -32.37 18.13
CA ASN A 244 -1.69 -31.97 19.51
C ASN A 244 -1.09 -30.57 19.53
N VAL A 245 -0.07 -30.36 18.70
CA VAL A 245 0.60 -29.07 18.69
C VAL A 245 -0.37 -27.97 18.28
N ARG A 246 -1.17 -28.22 17.24
CA ARG A 246 -2.10 -27.20 16.82
C ARG A 246 -3.16 -26.92 17.89
N TYR A 247 -3.70 -27.98 18.52
CA TYR A 247 -4.76 -27.72 19.48
C TYR A 247 -4.22 -27.15 20.79
N THR A 248 -2.99 -27.53 21.17
CA THR A 248 -2.35 -26.91 22.32
C THR A 248 -2.16 -25.42 22.11
N TYR A 249 -1.76 -25.02 20.90
CA TYR A 249 -1.65 -23.60 20.60
C TYR A 249 -3.00 -22.91 20.66
N LEU A 250 -4.05 -23.55 20.11
CA LEU A 250 -5.37 -22.93 20.09
C LEU A 250 -5.97 -22.84 21.49
N HIS A 251 -5.56 -23.73 22.40
CA HIS A 251 -6.01 -23.63 23.79
C HIS A 251 -5.39 -22.42 24.47
N GLU A 252 -4.10 -22.17 24.22
CA GLU A 252 -3.48 -20.94 24.73
C GLU A 252 -4.11 -19.71 24.11
N LEU A 253 -4.38 -19.76 22.81
CA LEU A 253 -5.01 -18.64 22.12
C LEU A 253 -6.33 -18.26 22.79
N CYS A 254 -7.25 -19.23 22.94
CA CYS A 254 -8.59 -18.91 23.46
C CYS A 254 -8.52 -18.37 24.88
N THR A 255 -7.59 -18.89 25.68
CA THR A 255 -7.37 -18.37 27.03
C THR A 255 -7.15 -16.85 27.00
N HIS A 256 -6.28 -16.39 26.12
CA HIS A 256 -5.91 -14.98 26.12
C HIS A 256 -6.85 -14.13 25.27
N VAL A 257 -7.84 -14.74 24.63
CA VAL A 257 -8.70 -14.03 23.70
C VAL A 257 -10.15 -14.01 24.16
N ARG A 258 -10.63 -15.10 24.76
CA ARG A 258 -12.05 -15.30 24.97
C ARG A 258 -12.37 -15.02 26.44
N ARG A 259 -13.32 -14.13 26.69
CA ARG A 259 -13.76 -13.84 28.05
C ARG A 259 -15.28 -13.80 28.11
N THR A 260 -15.82 -14.27 29.21
CA THR A 260 -17.26 -14.24 29.43
C THR A 260 -17.57 -13.28 30.56
N SER B 1 -9.39 5.98 8.50
CA SER B 1 -8.33 6.97 8.62
C SER B 1 -8.82 8.37 8.26
N LYS B 2 -8.08 9.39 8.66
CA LYS B 2 -8.32 10.75 8.20
C LYS B 2 -7.10 11.23 7.43
N TYR B 3 -7.29 11.63 6.19
CA TYR B 3 -6.19 12.10 5.36
C TYR B 3 -6.20 13.63 5.27
N GLN B 4 -5.03 14.23 5.33
CA GLN B 4 -4.90 15.69 5.19
C GLN B 4 -4.40 16.02 3.79
N VAL B 5 -5.22 16.77 3.04
CA VAL B 5 -5.00 17.10 1.65
C VAL B 5 -4.89 18.62 1.49
N LEU B 6 -3.92 19.07 0.68
CA LEU B 6 -3.74 20.48 0.33
C LEU B 6 -3.93 20.65 -1.17
N THR B 7 -4.66 21.70 -1.56
CA THR B 7 -4.86 22.00 -2.96
C THR B 7 -4.16 23.32 -3.31
N VAL B 8 -3.32 23.27 -4.34
CA VAL B 8 -2.51 24.41 -4.73
C VAL B 8 -2.52 24.52 -6.26
N GLY B 9 -2.48 25.75 -6.74
CA GLY B 9 -2.42 25.96 -8.16
C GLY B 9 -2.37 27.43 -8.48
N ASN B 10 -2.14 27.70 -9.77
CA ASN B 10 -2.19 29.06 -10.26
C ASN B 10 -3.61 29.59 -10.14
N PRO B 11 -3.76 30.92 -10.04
CA PRO B 11 -5.07 31.52 -10.26
C PRO B 11 -5.67 30.98 -11.55
N ASN B 12 -6.98 30.77 -11.55
CA ASN B 12 -7.75 30.33 -12.70
C ASN B 12 -7.51 28.87 -13.09
N SER B 13 -6.83 28.08 -12.25
CA SER B 13 -6.58 26.68 -12.62
C SER B 13 -7.83 25.82 -12.58
N GLY B 14 -8.87 26.23 -11.85
CA GLY B 14 -9.98 25.35 -11.53
C GLY B 14 -9.90 24.78 -10.14
N LYS B 15 -9.04 25.34 -9.28
CA LYS B 15 -8.75 24.81 -7.96
C LYS B 15 -10.01 24.71 -7.12
N THR B 16 -10.77 25.80 -7.01
CA THR B 16 -11.96 25.76 -6.15
C THR B 16 -13.13 25.07 -6.83
N THR B 17 -13.19 25.07 -8.16
CA THR B 17 -14.15 24.20 -8.83
C THR B 17 -13.97 22.77 -8.37
N LEU B 18 -12.72 22.28 -8.35
CA LEU B 18 -12.43 20.95 -7.84
C LEU B 18 -12.74 20.85 -6.34
N PHE B 19 -12.30 21.84 -5.57
CA PHE B 19 -12.53 21.84 -4.13
C PHE B 19 -14.00 21.74 -3.81
N ASN B 20 -14.84 22.48 -4.54
CA ASN B 20 -16.27 22.48 -4.30
C ASN B 20 -16.90 21.14 -4.67
N GLY B 21 -16.48 20.56 -5.80
CA GLY B 21 -16.97 19.25 -6.18
C GLY B 21 -16.63 18.17 -5.16
N LEU B 22 -15.43 18.26 -4.56
CA LEU B 22 -15.04 17.25 -3.59
C LEU B 22 -15.74 17.42 -2.25
N THR B 23 -15.96 18.66 -1.80
CA THR B 23 -16.48 18.91 -0.46
C THR B 23 -17.96 19.29 -0.46
N GLY B 24 -18.50 19.74 -1.58
CA GLY B 24 -19.89 20.17 -1.59
C GLY B 24 -20.14 21.27 -0.56
N ALA B 25 -21.15 21.05 0.27
CA ALA B 25 -21.52 21.98 1.33
C ALA B 25 -20.72 21.83 2.61
N LYS B 26 -19.89 20.79 2.74
CA LYS B 26 -19.03 20.63 3.90
C LYS B 26 -17.75 21.45 3.72
N GLN B 27 -17.94 22.78 3.70
CA GLN B 27 -16.85 23.74 3.60
C GLN B 27 -16.94 24.73 4.75
N GLN B 28 -15.80 25.28 5.14
CA GLN B 28 -15.73 26.32 6.15
C GLN B 28 -14.74 27.40 5.71
N VAL B 29 -15.03 28.64 6.06
CA VAL B 29 -14.18 29.78 5.72
C VAL B 29 -13.72 30.45 7.00
N GLY B 30 -12.41 30.52 7.18
CA GLY B 30 -11.83 31.25 8.29
C GLY B 30 -10.82 32.26 7.80
N ASN B 31 -9.86 32.54 8.67
CA ASN B 31 -8.74 33.43 8.38
C ASN B 31 -7.45 32.65 8.53
N TRP B 32 -6.46 33.00 7.73
CA TRP B 32 -5.12 32.49 7.97
C TRP B 32 -4.51 33.25 9.14
N ALA B 33 -3.77 32.52 9.98
CA ALA B 33 -3.36 33.07 11.27
C ALA B 33 -2.58 34.36 11.10
N GLY B 34 -3.00 35.39 11.84
CA GLY B 34 -2.32 36.66 11.89
C GLY B 34 -2.57 37.60 10.73
N VAL B 35 -3.46 37.24 9.81
CA VAL B 35 -3.65 37.96 8.55
C VAL B 35 -5.14 37.96 8.21
N THR B 36 -5.52 38.83 7.28
CA THR B 36 -6.90 39.01 6.81
C THR B 36 -7.30 38.03 5.71
N VAL B 37 -6.41 37.17 5.25
CA VAL B 37 -6.67 36.35 4.07
C VAL B 37 -7.57 35.18 4.43
N GLU B 38 -8.61 34.98 3.63
CA GLU B 38 -9.60 33.93 3.90
C GLU B 38 -8.97 32.54 3.81
N LYS B 39 -9.28 31.69 4.78
CA LYS B 39 -8.77 30.34 4.81
C LYS B 39 -9.93 29.37 4.60
N LYS B 40 -9.90 28.64 3.50
CA LYS B 40 -11.00 27.78 3.09
C LYS B 40 -10.63 26.33 3.34
N THR B 41 -11.37 25.67 4.23
CA THR B 41 -11.22 24.24 4.48
C THR B 41 -12.54 23.53 4.15
N GLY B 42 -12.45 22.21 4.08
CA GLY B 42 -13.60 21.39 3.74
C GLY B 42 -13.27 19.94 3.95
N SER B 43 -14.28 19.09 3.78
CA SER B 43 -14.08 17.70 4.12
C SER B 43 -15.05 16.84 3.33
N PHE B 44 -14.67 15.59 3.15
CA PHE B 44 -15.58 14.59 2.63
C PHE B 44 -15.17 13.23 3.18
N VAL B 45 -16.13 12.31 3.18
CA VAL B 45 -15.90 10.93 3.58
C VAL B 45 -16.03 10.06 2.34
N HIS B 46 -15.14 9.08 2.20
CA HIS B 46 -15.24 8.18 1.07
C HIS B 46 -14.76 6.80 1.48
N ALA B 47 -15.61 5.79 1.24
CA ALA B 47 -15.29 4.39 1.48
C ALA B 47 -14.72 4.18 2.88
N GLY B 48 -15.35 4.83 3.85
CA GLY B 48 -15.00 4.65 5.24
C GLY B 48 -13.91 5.58 5.76
N ASP B 49 -13.26 6.35 4.90
CA ASP B 49 -12.19 7.22 5.32
C ASP B 49 -12.61 8.69 5.24
N GLU B 50 -11.94 9.52 6.04
CA GLU B 50 -12.23 10.94 6.11
C GLU B 50 -11.11 11.74 5.44
N PHE B 51 -11.49 12.77 4.70
CA PHE B 51 -10.56 13.56 3.90
C PHE B 51 -10.68 15.03 4.29
N SER B 52 -9.65 15.58 4.90
CA SER B 52 -9.65 16.96 5.36
C SER B 52 -8.86 17.83 4.38
N LEU B 53 -9.53 18.80 3.77
CA LEU B 53 -8.97 19.60 2.66
C LEU B 53 -8.73 21.04 3.08
N THR B 54 -7.53 21.54 2.78
CA THR B 54 -7.23 22.97 2.88
C THR B 54 -6.87 23.49 1.50
N ASP B 55 -7.63 24.50 1.05
CA ASP B 55 -7.34 25.19 -0.20
C ASP B 55 -6.31 26.28 0.07
N LEU B 56 -5.22 26.31 -0.75
CA LEU B 56 -4.29 27.43 -0.60
C LEU B 56 -4.61 28.55 -1.59
N PRO B 57 -4.36 29.82 -1.25
CA PRO B 57 -4.56 30.90 -2.21
C PRO B 57 -3.72 30.67 -3.47
N GLY B 58 -4.30 31.03 -4.62
CA GLY B 58 -3.65 30.74 -5.89
C GLY B 58 -2.40 31.58 -6.07
N ILE B 59 -1.39 30.95 -6.68
CA ILE B 59 -0.04 31.49 -6.78
C ILE B 59 0.62 30.93 -8.03
N TYR B 60 1.55 31.70 -8.58
CA TYR B 60 2.31 31.30 -9.75
C TYR B 60 3.70 30.76 -9.41
N ALA B 61 4.21 31.06 -8.22
CA ALA B 61 5.46 30.49 -7.75
C ALA B 61 5.49 30.56 -6.23
N LEU B 62 6.34 29.72 -5.63
CA LEU B 62 6.59 29.81 -4.20
C LEU B 62 7.42 31.07 -3.87
N ASP B 63 7.40 31.45 -2.58
CA ASP B 63 7.91 32.75 -2.16
C ASP B 63 9.43 32.81 -2.25
N SER B 64 9.95 33.91 -2.81
CA SER B 64 11.38 34.15 -2.88
C SER B 64 11.66 35.60 -2.53
N GLY B 65 11.00 36.12 -1.50
CA GLY B 65 11.20 37.48 -1.07
C GLY B 65 10.38 38.49 -1.86
N SER B 70 3.51 39.26 -2.34
CA SER B 70 2.23 39.52 -1.67
C SER B 70 1.91 38.45 -0.62
N ILE B 71 0.95 38.75 0.26
CA ILE B 71 0.71 37.93 1.44
C ILE B 71 0.23 36.53 1.03
N ASP B 72 -0.61 36.44 -0.01
CA ASP B 72 -1.14 35.14 -0.43
C ASP B 72 -0.01 34.20 -0.83
N GLU B 73 0.97 34.71 -1.57
CA GLU B 73 2.10 33.90 -1.99
C GLU B 73 2.89 33.41 -0.78
N SER B 74 3.02 34.26 0.24
CA SER B 74 3.70 33.86 1.47
C SER B 74 2.88 32.84 2.25
N ILE B 75 1.56 33.00 2.28
CA ILE B 75 0.70 32.02 2.94
C ILE B 75 0.84 30.67 2.25
N ALA B 76 0.66 30.65 0.94
CA ALA B 76 0.69 29.41 0.18
C ALA B 76 2.08 28.77 0.23
N SER B 77 3.13 29.57 0.07
CA SER B 77 4.47 29.02 0.13
C SER B 77 4.82 28.52 1.52
N ARG B 78 4.18 29.07 2.55
CA ARG B 78 4.38 28.53 3.90
C ARG B 78 3.70 27.19 4.08
N ALA B 79 2.44 27.08 3.66
CA ALA B 79 1.71 25.84 3.90
C ALA B 79 2.38 24.67 3.20
N VAL B 80 2.80 24.91 1.96
CA VAL B 80 3.45 23.88 1.15
C VAL B 80 4.68 23.30 1.86
N LEU B 81 5.34 24.09 2.70
CA LEU B 81 6.51 23.57 3.40
C LEU B 81 6.16 23.00 4.76
N THR B 82 5.26 23.64 5.52
CA THR B 82 5.07 23.29 6.91
C THR B 82 3.70 22.71 7.27
N HIS B 83 2.70 22.86 6.44
CA HIS B 83 1.38 22.35 6.78
C HIS B 83 1.34 20.83 6.68
N PRO B 84 0.76 20.13 7.65
CA PRO B 84 0.62 18.67 7.52
C PRO B 84 -0.17 18.36 6.27
N ALA B 85 0.28 17.33 5.55
CA ALA B 85 -0.38 16.93 4.31
C ALA B 85 0.02 15.51 4.00
N ASP B 86 -0.96 14.63 3.87
CA ASP B 86 -0.67 13.34 3.27
C ASP B 86 -0.51 13.46 1.77
N VAL B 87 -1.10 14.48 1.14
CA VAL B 87 -0.86 14.70 -0.28
C VAL B 87 -1.15 16.16 -0.60
N ILE B 88 -0.35 16.69 -1.51
CA ILE B 88 -0.60 18.00 -2.09
C ILE B 88 -1.14 17.78 -3.48
N ILE B 89 -2.35 18.25 -3.70
CA ILE B 89 -2.97 18.20 -5.02
C ILE B 89 -2.62 19.51 -5.72
N ASN B 90 -1.76 19.42 -6.73
CA ASN B 90 -1.36 20.56 -7.55
C ASN B 90 -2.26 20.59 -8.77
N VAL B 91 -3.22 21.50 -8.77
CA VAL B 91 -4.17 21.61 -9.88
C VAL B 91 -3.54 22.47 -10.96
N VAL B 92 -3.56 21.98 -12.21
CA VAL B 92 -2.89 22.64 -13.33
C VAL B 92 -3.87 22.77 -14.49
N ASP B 93 -3.92 23.96 -15.08
CA ASP B 93 -4.71 24.22 -16.28
C ASP B 93 -3.98 23.59 -17.47
N ALA B 94 -4.57 22.53 -18.04
CA ALA B 94 -3.90 21.78 -19.10
C ALA B 94 -3.63 22.64 -20.32
N THR B 95 -4.41 23.70 -20.53
CA THR B 95 -4.23 24.57 -21.68
C THR B 95 -3.05 25.51 -21.52
N CYS B 96 -2.49 25.66 -20.32
CA CYS B 96 -1.41 26.58 -20.05
C CYS B 96 -0.25 25.85 -19.35
N LEU B 97 0.19 24.75 -19.95
CA LEU B 97 1.11 23.84 -19.27
C LEU B 97 2.45 24.49 -18.95
N GLU B 98 3.04 25.19 -19.93
CA GLU B 98 4.41 25.67 -19.76
C GLU B 98 4.51 26.61 -18.58
N ARG B 99 3.49 27.46 -18.39
CA ARG B 99 3.55 28.41 -17.29
C ARG B 99 3.11 27.77 -15.98
N SER B 100 2.04 26.96 -16.03
CA SER B 100 1.51 26.30 -14.84
C SER B 100 2.50 25.31 -14.23
N LEU B 101 3.25 24.60 -15.07
CA LEU B 101 4.14 23.58 -14.52
C LEU B 101 5.39 24.16 -13.88
N TYR B 102 5.55 25.48 -13.84
CA TYR B 102 6.71 26.06 -13.17
C TYR B 102 6.65 25.82 -11.66
N MET B 103 5.53 26.15 -11.04
CA MET B 103 5.41 25.88 -9.61
C MET B 103 5.35 24.37 -9.33
N THR B 104 4.80 23.59 -10.27
CA THR B 104 4.84 22.14 -10.14
C THR B 104 6.27 21.65 -9.91
N LEU B 105 7.23 22.13 -10.71
CA LEU B 105 8.62 21.69 -10.52
C LEU B 105 9.12 22.06 -9.13
N GLN B 106 8.84 23.30 -8.72
CA GLN B 106 9.21 23.72 -7.37
C GLN B 106 8.63 22.77 -6.34
N LEU B 107 7.34 22.46 -6.47
CA LEU B 107 6.70 21.50 -5.57
C LEU B 107 7.41 20.15 -5.61
N ARG B 108 7.69 19.63 -6.82
CA ARG B 108 8.33 18.32 -6.92
C ARG B 108 9.67 18.28 -6.22
N GLU B 109 10.42 19.39 -6.25
CA GLU B 109 11.72 19.43 -5.59
C GLU B 109 11.60 19.24 -4.08
N LEU B 110 10.48 19.68 -3.49
CA LEU B 110 10.28 19.50 -2.05
C LEU B 110 10.18 18.02 -1.66
N ARG B 111 9.76 17.18 -2.61
CA ARG B 111 9.60 15.73 -2.42
C ARG B 111 8.57 15.40 -1.34
N ARG B 112 7.68 16.32 -1.01
CA ARG B 112 6.50 15.92 -0.28
C ARG B 112 5.55 15.17 -1.22
N PRO B 113 4.77 14.23 -0.69
CA PRO B 113 3.79 13.52 -1.52
C PRO B 113 2.89 14.46 -2.28
N MET B 114 2.80 14.26 -3.59
CA MET B 114 1.97 15.14 -4.39
C MET B 114 1.43 14.39 -5.60
N ILE B 115 0.29 14.85 -6.10
CA ILE B 115 -0.19 14.46 -7.41
C ILE B 115 -0.46 15.72 -8.20
N VAL B 116 -0.40 15.59 -9.53
CA VAL B 116 -0.73 16.67 -10.44
C VAL B 116 -2.06 16.33 -11.07
N VAL B 117 -3.01 17.25 -10.96
CA VAL B 117 -4.31 17.14 -11.62
C VAL B 117 -4.32 18.08 -12.81
N LEU B 118 -4.37 17.51 -14.02
CA LEU B 118 -4.58 18.29 -15.24
C LEU B 118 -6.07 18.55 -15.38
N ASN B 119 -6.45 19.80 -15.24
CA ASN B 119 -7.84 20.23 -15.30
C ASN B 119 -8.11 20.86 -16.67
N LYS B 120 -9.40 21.00 -16.99
CA LYS B 120 -9.86 21.59 -18.26
C LYS B 120 -9.43 20.75 -19.46
N MET B 121 -9.42 19.43 -19.30
CA MET B 121 -9.15 18.55 -20.45
C MET B 121 -10.22 18.67 -21.52
N ASP B 122 -11.39 19.20 -21.18
CA ASP B 122 -12.43 19.45 -22.17
C ASP B 122 -12.07 20.65 -23.06
N ALA B 123 -11.54 21.71 -22.47
CA ALA B 123 -11.06 22.83 -23.27
C ALA B 123 -9.88 22.41 -24.14
N LEU B 124 -8.99 21.58 -23.59
CA LEU B 124 -7.88 21.05 -24.37
C LEU B 124 -8.35 20.24 -25.55
N LYS B 125 -9.41 19.44 -25.36
CA LYS B 125 -9.97 18.69 -26.47
C LYS B 125 -10.45 19.64 -27.56
N ARG B 126 -11.12 20.73 -27.16
CA ARG B 126 -11.65 21.70 -28.11
C ARG B 126 -10.57 22.31 -28.98
N GLU B 127 -9.31 22.28 -28.53
CA GLU B 127 -8.21 22.89 -29.28
C GLU B 127 -7.36 21.87 -30.01
N ARG B 128 -7.80 20.61 -30.07
CA ARG B 128 -7.13 19.53 -30.81
C ARG B 128 -5.69 19.35 -30.35
N VAL B 129 -5.46 19.47 -29.05
CA VAL B 129 -4.15 19.22 -28.45
C VAL B 129 -4.24 17.95 -27.60
N HIS B 130 -3.31 17.02 -27.85
CA HIS B 130 -3.18 15.80 -27.08
C HIS B 130 -1.92 15.84 -26.25
N LEU B 131 -2.04 15.43 -24.99
CA LEU B 131 -0.92 15.33 -24.06
C LEU B 131 -0.62 13.87 -23.77
N ASP B 132 0.65 13.50 -23.89
CA ASP B 132 1.10 12.15 -23.52
C ASP B 132 1.18 12.06 -22.00
N LEU B 133 0.10 11.60 -21.37
CA LEU B 133 0.01 11.56 -19.90
C LEU B 133 1.14 10.73 -19.28
N LYS B 134 1.47 9.60 -19.89
CA LYS B 134 2.54 8.76 -19.37
C LYS B 134 3.87 9.50 -19.43
N GLN B 135 4.16 10.13 -20.57
CA GLN B 135 5.39 10.90 -20.69
C GLN B 135 5.42 12.02 -19.66
N LEU B 136 4.29 12.69 -19.46
CA LEU B 136 4.25 13.77 -18.47
C LEU B 136 4.53 13.22 -17.08
N GLU B 137 3.95 12.06 -16.76
CA GLU B 137 4.28 11.36 -15.52
C GLU B 137 5.75 11.01 -15.45
N ALA B 138 6.34 10.61 -16.58
CA ALA B 138 7.75 10.29 -16.59
C ALA B 138 8.60 11.53 -16.27
N PHE B 139 8.25 12.67 -16.87
CA PHE B 139 9.01 13.90 -16.62
C PHE B 139 8.82 14.40 -15.19
N LEU B 140 7.58 14.37 -14.69
CA LEU B 140 7.35 14.92 -13.36
C LEU B 140 7.71 13.94 -12.24
N GLY B 141 7.64 12.63 -12.50
CA GLY B 141 7.96 11.66 -11.47
C GLY B 141 6.97 11.62 -10.32
N CYS B 142 5.71 11.96 -10.58
CA CYS B 142 4.64 11.86 -9.62
C CYS B 142 3.38 11.52 -10.36
N PRO B 143 2.33 11.07 -9.71
CA PRO B 143 1.09 10.74 -10.41
C PRO B 143 0.51 11.99 -11.07
N VAL B 144 0.15 11.88 -12.35
CA VAL B 144 -0.60 12.91 -13.04
C VAL B 144 -1.97 12.32 -13.36
N LEU B 145 -3.01 13.07 -13.05
CA LEU B 145 -4.39 12.69 -13.33
C LEU B 145 -5.03 13.80 -14.16
N ALA B 146 -5.90 13.42 -15.09
CA ALA B 146 -6.53 14.34 -16.03
C ALA B 146 -8.03 14.32 -15.80
N LEU B 147 -8.64 15.50 -15.81
CA LEU B 147 -10.09 15.58 -15.67
C LEU B 147 -10.57 16.96 -16.13
N SER B 148 -11.87 17.12 -16.12
CA SER B 148 -12.52 18.42 -16.16
C SER B 148 -13.29 18.58 -14.87
N ALA B 149 -12.86 19.51 -14.02
CA ALA B 149 -13.45 19.66 -12.69
C ALA B 149 -14.91 20.09 -12.74
N ASN B 150 -15.40 20.57 -13.89
CA ASN B 150 -16.80 20.90 -14.05
C ASN B 150 -17.66 19.69 -14.41
N ASN B 151 -17.07 18.48 -14.46
CA ASN B 151 -17.80 17.24 -14.70
C ASN B 151 -17.86 16.47 -13.38
N LYS B 152 -19.06 16.34 -12.82
CA LYS B 152 -19.22 15.74 -11.50
C LYS B 152 -18.78 14.28 -11.49
N GLU B 153 -19.03 13.56 -12.59
CA GLU B 153 -18.67 12.15 -12.63
C GLU B 153 -17.16 11.97 -12.60
N GLN B 154 -16.41 12.81 -13.31
CA GLN B 154 -14.96 12.74 -13.25
C GLN B 154 -14.43 13.15 -11.88
N VAL B 155 -15.12 14.04 -11.19
CA VAL B 155 -14.73 14.40 -9.83
C VAL B 155 -15.00 13.24 -8.86
N ARG B 156 -16.17 12.60 -8.96
CA ARG B 156 -16.43 11.47 -8.08
C ARG B 156 -15.50 10.31 -8.39
N ARG B 157 -15.20 10.08 -9.68
CA ARG B 157 -14.17 9.12 -10.04
C ARG B 157 -12.81 9.51 -9.48
N PHE B 158 -12.48 10.81 -9.54
CA PHE B 158 -11.21 11.30 -9.00
C PHE B 158 -11.07 10.99 -7.51
N LYS B 159 -12.18 11.02 -6.75
CA LYS B 159 -12.11 10.64 -5.34
C LYS B 159 -11.64 9.20 -5.17
N GLU B 160 -12.18 8.28 -5.97
CA GLU B 160 -11.72 6.89 -5.90
C GLU B 160 -10.24 6.77 -6.23
N LYS B 161 -9.79 7.45 -7.28
CA LYS B 161 -8.37 7.39 -7.64
C LYS B 161 -7.52 8.04 -6.55
N LEU B 162 -8.01 9.14 -5.99
CA LEU B 162 -7.28 9.84 -4.94
C LEU B 162 -7.16 8.96 -3.71
N HIS B 163 -8.29 8.40 -3.24
CA HIS B 163 -8.28 7.50 -2.09
C HIS B 163 -7.31 6.35 -2.29
N LYS B 164 -7.37 5.69 -3.45
CA LYS B 164 -6.46 4.58 -3.70
C LYS B 164 -5.00 4.99 -3.56
N LEU B 165 -4.64 6.14 -4.15
CA LEU B 165 -3.25 6.61 -4.08
C LEU B 165 -2.82 6.90 -2.64
N LEU B 166 -3.70 7.50 -1.86
CA LEU B 166 -3.37 7.75 -0.46
C LEU B 166 -3.19 6.45 0.31
N VAL B 167 -4.02 5.44 0.03
CA VAL B 167 -3.86 4.15 0.70
C VAL B 167 -2.59 3.45 0.22
N GLN B 168 -2.28 3.55 -1.08
CA GLN B 168 -1.04 2.95 -1.58
C GLN B 168 0.20 3.64 -1.06
N GLY B 169 0.10 4.92 -0.74
CA GLY B 169 1.28 5.72 -0.53
C GLY B 169 1.78 6.26 -1.86
N ILE B 170 2.29 7.48 -1.88
CA ILE B 170 2.81 8.07 -3.10
C ILE B 170 4.33 8.03 -3.06
N ALA B 171 4.93 7.29 -3.99
CA ALA B 171 6.39 7.13 -4.03
C ALA B 171 7.01 8.24 -4.88
N LEU B 172 7.80 9.13 -4.24
CA LEU B 172 8.42 10.26 -4.92
C LEU B 172 9.93 10.25 -4.77
N LYS B 173 10.61 10.51 -5.87
CA LYS B 173 12.06 10.53 -5.99
C LYS B 173 12.36 11.23 -7.32
N GLN B 174 13.62 11.21 -7.75
CA GLN B 174 14.00 11.46 -9.14
C GLN B 174 13.57 12.88 -9.59
N ILE B 175 14.23 13.85 -8.98
CA ILE B 175 14.25 15.20 -9.52
C ILE B 175 15.40 15.27 -10.52
N GLU B 176 15.08 15.26 -11.82
CA GLU B 176 16.08 15.35 -12.87
C GLU B 176 16.47 16.80 -13.18
N LEU B 177 16.21 17.72 -12.27
CA LEU B 177 16.54 19.13 -12.47
C LEU B 177 17.98 19.37 -12.04
N HIS B 178 18.89 19.43 -13.01
CA HIS B 178 20.28 19.74 -12.77
C HIS B 178 20.49 21.23 -13.06
N TYR B 179 21.13 21.94 -12.13
CA TYR B 179 21.24 23.39 -12.19
C TYR B 179 22.59 23.88 -12.73
N GLY B 180 23.38 23.00 -13.32
CA GLY B 180 24.72 23.38 -13.71
C GLY B 180 25.74 23.05 -12.64
N ALA B 181 26.96 22.77 -13.10
CA ALA B 181 28.00 22.30 -12.19
C ALA B 181 28.30 23.30 -11.09
N GLU B 182 28.27 24.60 -11.42
CA GLU B 182 28.53 25.62 -10.42
C GLU B 182 27.45 25.60 -9.34
N PHE B 183 26.20 25.88 -9.73
CA PHE B 183 25.12 26.01 -8.76
C PHE B 183 24.88 24.72 -8.00
N GLU B 184 25.10 23.56 -8.65
CA GLU B 184 24.98 22.29 -7.95
C GLU B 184 25.97 22.19 -6.80
N SER B 185 27.17 22.74 -6.97
CA SER B 185 28.15 22.67 -5.88
C SER B 185 27.73 23.55 -4.72
N LEU B 186 27.13 24.72 -4.99
CA LEU B 186 26.61 25.55 -3.91
C LEU B 186 25.49 24.84 -3.16
N ILE B 187 24.61 24.14 -3.87
CA ILE B 187 23.61 23.32 -3.21
C ILE B 187 24.29 22.28 -2.33
N HIS B 188 25.31 21.60 -2.89
CA HIS B 188 26.01 20.56 -2.15
C HIS B 188 26.67 21.10 -0.89
N GLU B 189 27.17 22.34 -0.96
CA GLU B 189 27.77 22.97 0.21
C GLU B 189 26.73 23.43 1.22
N LEU B 190 25.46 23.54 0.84
CA LEU B 190 24.42 24.03 1.72
C LEU B 190 23.57 22.92 2.34
N GLU B 191 23.43 21.79 1.66
CA GLU B 191 22.56 20.71 2.15
C GLU B 191 22.86 20.28 3.57
N PRO B 192 24.11 20.08 4.01
CA PRO B 192 24.34 19.62 5.38
C PRO B 192 23.67 20.49 6.44
N MET B 193 23.54 21.80 6.20
CA MET B 193 22.89 22.65 7.18
C MET B 193 21.38 22.57 7.15
N PHE B 194 20.80 21.86 6.17
CA PHE B 194 19.36 21.63 6.11
C PHE B 194 19.02 20.16 6.27
N ALA B 195 20.01 19.31 6.53
CA ALA B 195 19.75 17.91 6.79
C ALA B 195 18.96 17.75 8.09
N GLU B 196 18.24 16.64 8.18
CA GLU B 196 17.36 16.39 9.34
C GLU B 196 16.34 17.50 9.50
N GLN B 197 15.72 17.87 8.38
CA GLN B 197 14.59 18.78 8.37
C GLN B 197 13.37 18.04 7.83
N ALA B 198 12.21 18.67 7.99
CA ALA B 198 10.95 18.11 7.54
C ALA B 198 10.88 18.00 6.02
N VAL B 199 11.76 18.70 5.30
CA VAL B 199 11.72 18.70 3.84
C VAL B 199 13.12 18.38 3.35
N SER B 200 13.21 17.89 2.11
CA SER B 200 14.48 17.63 1.44
C SER B 200 15.49 18.75 1.69
N ALA B 201 16.64 18.38 2.26
CA ALA B 201 17.74 19.32 2.42
C ALA B 201 18.16 19.94 1.09
N ARG B 202 18.07 19.19 0.00
CA ARG B 202 18.36 19.77 -1.31
C ARG B 202 17.35 20.86 -1.66
N ALA B 203 16.06 20.57 -1.46
CA ALA B 203 15.02 21.56 -1.72
C ALA B 203 15.18 22.79 -0.83
N LEU B 204 15.55 22.58 0.45
CA LEU B 204 15.72 23.71 1.37
C LEU B 204 16.91 24.58 0.99
N ALA B 205 17.97 23.97 0.47
CA ALA B 205 19.12 24.75 0.03
C ALA B 205 18.77 25.61 -1.19
N ILE B 206 18.05 25.05 -2.16
CA ILE B 206 17.62 25.81 -3.31
C ILE B 206 16.74 26.99 -2.90
N ARG B 207 15.73 26.72 -2.05
CA ARG B 207 14.84 27.80 -1.60
C ARG B 207 15.60 28.87 -0.82
N ALA B 208 16.58 28.46 0.00
CA ALA B 208 17.40 29.44 0.72
C ALA B 208 18.21 30.31 -0.24
N LEU B 209 18.73 29.69 -1.30
CA LEU B 209 19.45 30.46 -2.31
C LEU B 209 18.50 31.34 -3.10
N GLU B 210 17.30 30.84 -3.42
CA GLU B 210 16.29 31.73 -3.96
C GLU B 210 15.83 32.79 -2.96
N ASN B 211 16.38 32.76 -1.75
CA ASN B 211 16.06 33.72 -0.69
C ASN B 211 14.64 33.51 -0.13
N ASP B 212 14.21 32.25 -0.02
CA ASP B 212 12.90 31.96 0.58
C ASP B 212 12.85 32.49 2.01
N ARG B 213 11.83 33.28 2.31
CA ARG B 213 11.78 33.94 3.61
C ARG B 213 11.42 32.97 4.73
N LEU B 214 10.49 32.05 4.47
CA LEU B 214 10.17 31.01 5.46
C LEU B 214 11.42 30.22 5.83
N VAL B 215 12.28 29.95 4.84
CA VAL B 215 13.46 29.13 5.10
C VAL B 215 14.51 29.93 5.86
N ILE B 216 14.73 31.19 5.46
CA ILE B 216 15.72 32.03 6.11
C ILE B 216 15.30 32.33 7.55
N ASN B 217 14.02 32.68 7.77
CA ASN B 217 13.58 33.10 9.10
C ASN B 217 13.73 32.01 10.13
N GLY B 218 13.68 30.73 9.70
CA GLY B 218 13.91 29.63 10.61
C GLY B 218 15.36 29.45 11.03
N LEU B 219 16.28 30.16 10.38
CA LEU B 219 17.70 30.04 10.69
C LEU B 219 18.09 30.96 11.84
N LYS B 220 19.23 30.64 12.46
CA LYS B 220 19.89 31.58 13.34
C LYS B 220 20.69 32.59 12.51
N GLU B 221 21.15 33.66 13.16
CA GLU B 221 21.92 34.68 12.47
C GLU B 221 23.18 34.09 11.83
N ALA B 222 23.88 33.21 12.54
CA ALA B 222 25.07 32.58 11.98
C ALA B 222 24.74 31.75 10.74
N GLU B 223 23.56 31.15 10.71
CA GLU B 223 23.13 30.41 9.53
C GLU B 223 22.77 31.35 8.39
N ARG B 224 22.10 32.48 8.70
CA ARG B 224 21.69 33.43 7.69
C ARG B 224 22.89 33.99 6.94
N GLN B 225 23.93 34.38 7.68
CA GLN B 225 25.11 34.95 7.03
C GLN B 225 25.81 33.92 6.16
N ASN B 226 25.82 32.65 6.60
CA ASN B 226 26.42 31.60 5.79
C ASN B 226 25.67 31.46 4.47
N VAL B 227 24.33 31.50 4.52
CA VAL B 227 23.54 31.44 3.30
C VAL B 227 23.79 32.67 2.43
N GLU B 228 23.77 33.85 3.04
CA GLU B 228 23.88 35.08 2.25
C GLU B 228 25.26 35.21 1.62
N GLN B 229 26.31 34.63 2.22
CA GLN B 229 27.64 34.69 1.62
C GLN B 229 27.88 33.59 0.60
N ARG B 230 27.09 32.53 0.62
CA ARG B 230 27.11 31.59 -0.49
C ARG B 230 26.33 32.14 -1.68
N GLN B 231 25.36 33.02 -1.43
CA GLN B 231 24.65 33.66 -2.53
C GLN B 231 25.61 34.50 -3.37
N HIS B 232 26.47 35.28 -2.71
CA HIS B 232 27.41 36.12 -3.45
C HIS B 232 28.52 35.32 -4.11
N GLU B 233 28.71 34.06 -3.70
CA GLU B 233 29.66 33.21 -4.41
C GLU B 233 29.19 32.97 -5.85
N CYS B 234 27.90 32.79 -6.04
CA CYS B 234 27.37 32.57 -7.38
C CYS B 234 27.55 33.81 -8.25
N GLN B 235 28.02 33.59 -9.48
CA GLN B 235 28.41 34.70 -10.34
C GLN B 235 27.24 35.28 -11.13
N VAL B 236 26.31 34.43 -11.55
CA VAL B 236 25.12 34.86 -12.27
C VAL B 236 24.00 35.06 -11.27
N ASP B 237 22.96 35.78 -11.66
CA ASP B 237 21.84 35.98 -10.78
C ASP B 237 21.11 34.64 -10.56
N ILE B 238 20.87 34.31 -9.30
CA ILE B 238 20.30 33.01 -8.96
C ILE B 238 18.88 32.90 -9.51
N ASP B 239 18.07 33.94 -9.34
CA ASP B 239 16.72 33.92 -9.89
C ASP B 239 16.73 33.59 -11.36
N LEU B 240 17.58 34.28 -12.13
CA LEU B 240 17.66 34.04 -13.57
C LEU B 240 18.07 32.61 -13.87
N LEU B 241 19.09 32.12 -13.16
CA LEU B 241 19.64 30.80 -13.44
C LEU B 241 18.61 29.69 -13.19
N VAL B 242 17.96 29.69 -12.02
CA VAL B 242 17.00 28.62 -11.75
C VAL B 242 15.77 28.74 -12.65
N ALA B 243 15.34 29.96 -12.94
CA ALA B 243 14.25 30.12 -13.90
C ALA B 243 14.64 29.53 -15.25
N ASN B 244 15.88 29.76 -15.67
CA ASN B 244 16.33 29.28 -16.97
C ASN B 244 16.28 27.76 -17.04
N VAL B 245 16.97 27.08 -16.10
CA VAL B 245 17.00 25.63 -16.15
C VAL B 245 15.60 25.05 -16.07
N ARG B 246 14.75 25.62 -15.21
CA ARG B 246 13.40 25.09 -15.05
C ARG B 246 12.59 25.22 -16.34
N TYR B 247 12.58 26.42 -16.93
CA TYR B 247 11.84 26.58 -18.17
C TYR B 247 12.47 25.78 -19.30
N THR B 248 13.80 25.62 -19.29
CA THR B 248 14.44 24.75 -20.28
C THR B 248 13.94 23.32 -20.14
N TYR B 249 13.82 22.85 -18.89
CA TYR B 249 13.25 21.52 -18.67
C TYR B 249 11.81 21.46 -19.14
N LEU B 250 11.02 22.50 -18.86
CA LEU B 250 9.62 22.51 -19.28
C LEU B 250 9.48 22.57 -20.80
N HIS B 251 10.46 23.17 -21.50
CA HIS B 251 10.40 23.18 -22.95
C HIS B 251 10.66 21.80 -23.53
N GLU B 252 11.69 21.10 -23.03
CA GLU B 252 11.90 19.71 -23.39
C GLU B 252 10.68 18.85 -23.06
N LEU B 253 10.05 19.11 -21.90
CA LEU B 253 8.86 18.34 -21.53
C LEU B 253 7.74 18.54 -22.54
N CYS B 254 7.47 19.79 -22.91
CA CYS B 254 6.34 20.06 -23.80
C CYS B 254 6.59 19.51 -25.20
N THR B 255 7.85 19.36 -25.59
CA THR B 255 8.16 18.73 -26.88
C THR B 255 7.75 17.27 -26.89
N HIS B 256 8.04 16.55 -25.80
CA HIS B 256 7.77 15.12 -25.70
C HIS B 256 6.36 14.80 -25.21
N VAL B 257 5.59 15.78 -24.77
CA VAL B 257 4.29 15.54 -24.14
C VAL B 257 3.14 16.10 -24.98
N ARG B 258 3.35 17.24 -25.62
CA ARG B 258 2.28 17.94 -26.33
C ARG B 258 2.31 17.59 -27.82
N ARG B 259 1.15 17.24 -28.36
CA ARG B 259 0.96 17.00 -29.78
C ARG B 259 -0.30 17.73 -30.24
N THR B 260 -0.45 17.85 -31.56
CA THR B 260 -1.57 18.60 -32.11
C THR B 260 -2.06 17.99 -33.43
N SER C 1 -12.11 -12.62 -46.25
CA SER C 1 -11.12 -12.31 -45.22
C SER C 1 -9.85 -13.12 -45.44
N LYS C 2 -8.73 -12.63 -44.92
CA LYS C 2 -7.47 -13.36 -44.88
C LYS C 2 -7.05 -13.60 -43.45
N TYR C 3 -6.69 -14.84 -43.13
CA TYR C 3 -6.31 -15.21 -41.78
C TYR C 3 -4.85 -15.61 -41.74
N GLN C 4 -4.17 -15.14 -40.71
CA GLN C 4 -2.80 -15.52 -40.39
C GLN C 4 -2.84 -16.58 -39.30
N VAL C 5 -2.29 -17.76 -39.61
CA VAL C 5 -2.29 -18.92 -38.70
C VAL C 5 -0.85 -19.36 -38.48
N LEU C 6 -0.44 -19.48 -37.21
CA LEU C 6 0.86 -20.00 -36.83
C LEU C 6 0.74 -21.41 -36.25
N THR C 7 1.65 -22.30 -36.64
CA THR C 7 1.70 -23.66 -36.14
C THR C 7 2.93 -23.82 -35.27
N VAL C 8 2.73 -24.28 -34.02
CA VAL C 8 3.82 -24.35 -33.07
C VAL C 8 3.67 -25.62 -32.23
N GLY C 9 4.79 -26.20 -31.86
CA GLY C 9 4.72 -27.48 -31.20
C GLY C 9 6.12 -27.98 -30.94
N ASN C 10 6.19 -29.03 -30.12
CA ASN C 10 7.47 -29.68 -29.86
C ASN C 10 8.01 -30.29 -31.15
N PRO C 11 9.29 -30.65 -31.18
CA PRO C 11 9.76 -31.52 -32.26
C PRO C 11 8.95 -32.81 -32.32
N ASN C 12 8.66 -33.23 -33.55
CA ASN C 12 8.01 -34.50 -33.92
C ASN C 12 6.56 -34.60 -33.48
N SER C 13 5.90 -33.47 -33.27
CA SER C 13 4.49 -33.47 -32.92
C SER C 13 3.60 -33.71 -34.13
N GLY C 14 4.13 -33.61 -35.35
CA GLY C 14 3.36 -33.72 -36.56
C GLY C 14 3.04 -32.41 -37.26
N LYS C 15 3.76 -31.33 -36.95
CA LYS C 15 3.44 -30.02 -37.51
C LYS C 15 3.46 -30.03 -39.03
N THR C 16 4.51 -30.62 -39.63
CA THR C 16 4.63 -30.58 -41.09
C THR C 16 3.57 -31.45 -41.76
N THR C 17 3.18 -32.57 -41.14
CA THR C 17 2.13 -33.39 -41.73
C THR C 17 0.82 -32.62 -41.77
N LEU C 18 0.45 -31.99 -40.66
CA LEU C 18 -0.77 -31.18 -40.64
C LEU C 18 -0.66 -30.06 -41.66
N PHE C 19 0.51 -29.41 -41.72
CA PHE C 19 0.74 -28.31 -42.64
C PHE C 19 0.55 -28.75 -44.09
N ASN C 20 1.20 -29.85 -44.48
CA ASN C 20 1.02 -30.35 -45.84
C ASN C 20 -0.44 -30.70 -46.12
N GLY C 21 -1.14 -31.23 -45.11
CA GLY C 21 -2.53 -31.58 -45.31
C GLY C 21 -3.44 -30.38 -45.49
N LEU C 22 -3.18 -29.30 -44.76
CA LEU C 22 -3.98 -28.09 -44.92
C LEU C 22 -3.65 -27.36 -46.22
N THR C 23 -2.38 -27.29 -46.60
CA THR C 23 -1.98 -26.52 -47.78
C THR C 23 -2.09 -27.30 -49.07
N GLY C 24 -2.28 -28.62 -49.00
CA GLY C 24 -2.17 -29.41 -50.22
C GLY C 24 -0.74 -29.63 -50.67
N ALA C 25 0.24 -29.29 -49.85
CA ALA C 25 1.65 -29.48 -50.16
C ALA C 25 2.07 -30.93 -49.91
N LYS C 39 8.74 -22.91 -48.30
CA LYS C 39 8.69 -24.28 -47.83
C LYS C 39 8.10 -24.38 -46.42
N LYS C 40 8.34 -23.38 -45.56
CA LYS C 40 7.76 -23.33 -44.22
C LYS C 40 6.55 -22.42 -44.14
N THR C 41 6.16 -21.80 -45.26
CA THR C 41 4.97 -20.98 -45.36
C THR C 41 4.14 -21.50 -46.51
N GLY C 42 2.83 -21.37 -46.38
CA GLY C 42 1.90 -21.90 -47.35
C GLY C 42 0.56 -21.24 -47.14
N SER C 43 -0.40 -21.61 -47.97
CA SER C 43 -1.71 -20.98 -47.92
C SER C 43 -2.76 -21.93 -48.44
N PHE C 44 -4.02 -21.57 -48.19
CA PHE C 44 -5.13 -22.27 -48.80
C PHE C 44 -6.34 -21.36 -48.75
N VAL C 45 -7.33 -21.68 -49.57
CA VAL C 45 -8.59 -20.96 -49.59
C VAL C 45 -9.65 -21.90 -49.03
N HIS C 46 -10.63 -21.33 -48.34
CA HIS C 46 -11.71 -22.15 -47.79
C HIS C 46 -12.95 -21.29 -47.59
N ALA C 47 -14.05 -21.71 -48.19
CA ALA C 47 -15.31 -20.96 -48.17
C ALA C 47 -15.07 -19.47 -48.39
N GLY C 48 -14.33 -19.16 -49.46
CA GLY C 48 -14.12 -17.78 -49.85
C GLY C 48 -13.12 -17.00 -49.02
N ASP C 49 -12.47 -17.65 -48.04
CA ASP C 49 -11.48 -17.00 -47.20
C ASP C 49 -10.10 -17.56 -47.49
N GLU C 50 -9.10 -16.70 -47.29
CA GLU C 50 -7.71 -16.99 -47.58
C GLU C 50 -6.96 -17.19 -46.27
N PHE C 51 -6.13 -18.20 -46.23
CA PHE C 51 -5.46 -18.62 -44.99
C PHE C 51 -3.97 -18.74 -45.26
N SER C 52 -3.17 -17.95 -44.55
CA SER C 52 -1.73 -18.06 -44.58
C SER C 52 -1.25 -18.87 -43.38
N LEU C 53 -0.47 -19.92 -43.64
CA LEU C 53 -0.06 -20.88 -42.62
C LEU C 53 1.46 -20.88 -42.52
N THR C 54 1.96 -20.87 -41.29
CA THR C 54 3.39 -20.90 -41.01
C THR C 54 3.75 -22.12 -40.16
N ASP C 55 4.71 -22.92 -40.64
CA ASP C 55 5.18 -24.17 -40.03
C ASP C 55 6.47 -23.86 -39.25
N LEU C 56 6.33 -23.46 -38.00
CA LEU C 56 7.50 -23.06 -37.21
C LEU C 56 8.31 -24.27 -36.75
N PRO C 57 9.63 -24.11 -36.56
CA PRO C 57 10.45 -25.22 -36.05
C PRO C 57 10.06 -25.61 -34.63
N GLY C 58 10.27 -26.89 -34.33
CA GLY C 58 9.80 -27.44 -33.07
C GLY C 58 10.59 -26.90 -31.88
N ILE C 59 9.87 -26.54 -30.82
CA ILE C 59 10.50 -26.06 -29.59
C ILE C 59 9.81 -26.68 -28.37
N TYR C 60 10.56 -26.78 -27.27
CA TYR C 60 9.97 -27.26 -26.02
C TYR C 60 9.60 -26.15 -25.06
N ALA C 61 10.20 -24.98 -25.22
CA ALA C 61 9.90 -23.79 -24.44
C ALA C 61 10.22 -22.58 -25.32
N LEU C 62 9.75 -21.42 -24.89
CA LEU C 62 10.06 -20.19 -25.60
C LEU C 62 11.48 -19.73 -25.26
N ASP C 63 12.27 -19.46 -26.30
CA ASP C 63 13.68 -19.01 -26.17
C ASP C 63 13.85 -17.78 -25.28
N SER C 70 20.36 -16.67 -36.97
CA SER C 70 19.53 -17.11 -35.84
C SER C 70 19.60 -18.62 -35.64
N ILE C 71 18.92 -19.10 -34.61
CA ILE C 71 18.71 -20.52 -34.38
C ILE C 71 17.21 -20.77 -34.48
N ASP C 72 16.86 -22.05 -34.65
CA ASP C 72 15.44 -22.42 -34.83
C ASP C 72 14.62 -22.09 -33.60
N GLU C 73 15.19 -22.23 -32.41
CA GLU C 73 14.41 -21.94 -31.21
C GLU C 73 14.08 -20.46 -31.13
N SER C 74 15.06 -19.59 -31.41
CA SER C 74 14.81 -18.16 -31.48
C SER C 74 13.86 -17.82 -32.62
N ILE C 75 14.06 -18.43 -33.79
CA ILE C 75 13.15 -18.21 -34.92
C ILE C 75 11.71 -18.47 -34.50
N ALA C 76 11.44 -19.62 -33.87
CA ALA C 76 10.06 -19.98 -33.51
C ALA C 76 9.54 -19.10 -32.37
N SER C 77 10.36 -18.84 -31.35
CA SER C 77 9.91 -18.00 -30.24
C SER C 77 9.63 -16.58 -30.72
N ARG C 78 10.55 -16.02 -31.53
CA ARG C 78 10.36 -14.66 -32.03
C ARG C 78 9.07 -14.57 -32.84
N ALA C 79 8.79 -15.59 -33.64
CA ALA C 79 7.60 -15.59 -34.47
C ALA C 79 6.33 -15.54 -33.63
N VAL C 80 6.30 -16.31 -32.54
CA VAL C 80 5.11 -16.33 -31.69
C VAL C 80 4.93 -14.98 -31.00
N LEU C 81 6.02 -14.25 -30.75
CA LEU C 81 5.92 -12.93 -30.16
C LEU C 81 5.66 -11.82 -31.18
N THR C 82 5.98 -12.02 -32.46
CA THR C 82 5.88 -10.88 -33.36
C THR C 82 5.02 -11.10 -34.59
N HIS C 83 4.82 -12.33 -35.07
CA HIS C 83 4.04 -12.46 -36.29
C HIS C 83 2.58 -12.10 -36.01
N PRO C 84 1.91 -11.46 -36.96
CA PRO C 84 0.45 -11.40 -36.88
C PRO C 84 -0.09 -12.81 -36.83
N ALA C 85 -1.10 -13.02 -36.00
CA ALA C 85 -1.72 -14.33 -35.92
C ALA C 85 -3.16 -14.11 -35.48
N ASP C 86 -4.09 -14.57 -36.29
CA ASP C 86 -5.46 -14.68 -35.82
C ASP C 86 -5.64 -15.91 -34.96
N VAL C 87 -4.76 -16.88 -35.09
CA VAL C 87 -4.79 -18.04 -34.21
C VAL C 87 -3.41 -18.67 -34.23
N ILE C 88 -2.99 -19.15 -33.07
CA ILE C 88 -1.86 -20.06 -32.97
C ILE C 88 -2.41 -21.47 -32.83
N ILE C 89 -2.00 -22.35 -33.72
CA ILE C 89 -2.31 -23.78 -33.61
C ILE C 89 -1.15 -24.45 -32.88
N ASN C 90 -1.40 -24.88 -31.66
CA ASN C 90 -0.41 -25.58 -30.84
C ASN C 90 -0.60 -27.08 -31.10
N VAL C 91 0.29 -27.67 -31.91
CA VAL C 91 0.19 -29.09 -32.26
C VAL C 91 0.88 -29.89 -31.18
N VAL C 92 0.17 -30.85 -30.62
CA VAL C 92 0.60 -31.59 -29.45
C VAL C 92 0.49 -33.07 -29.77
N ASP C 93 1.59 -33.81 -29.60
CA ASP C 93 1.54 -35.28 -29.73
C ASP C 93 0.75 -35.83 -28.54
N ALA C 94 -0.45 -36.35 -28.79
CA ALA C 94 -1.32 -36.81 -27.71
C ALA C 94 -0.66 -37.87 -26.83
N THR C 95 0.26 -38.64 -27.38
CA THR C 95 0.90 -39.72 -26.62
C THR C 95 2.10 -39.25 -25.79
N CYS C 96 2.44 -37.97 -25.82
CA CYS C 96 3.42 -37.40 -24.89
C CYS C 96 2.89 -36.09 -24.33
N LEU C 97 1.68 -36.15 -23.79
CA LEU C 97 0.93 -34.95 -23.43
C LEU C 97 1.67 -34.11 -22.39
N GLU C 98 2.20 -34.74 -21.34
CA GLU C 98 2.75 -33.97 -20.22
C GLU C 98 4.00 -33.18 -20.62
N ARG C 99 4.88 -33.78 -21.42
CA ARG C 99 6.04 -33.06 -21.90
C ARG C 99 5.63 -31.88 -22.80
N SER C 100 4.59 -32.09 -23.62
CA SER C 100 4.23 -31.09 -24.64
C SER C 100 3.54 -29.89 -24.05
N LEU C 101 2.87 -30.05 -22.91
CA LEU C 101 2.02 -29.00 -22.37
C LEU C 101 2.83 -27.89 -21.71
N TYR C 102 4.13 -28.10 -21.50
CA TYR C 102 4.92 -27.01 -20.95
C TYR C 102 4.87 -25.81 -21.89
N MET C 103 5.08 -26.09 -23.17
CA MET C 103 5.01 -25.02 -24.15
C MET C 103 3.60 -24.52 -24.25
N THR C 104 2.62 -25.42 -24.16
CA THR C 104 1.21 -25.01 -24.19
C THR C 104 0.92 -23.99 -23.11
N LEU C 105 1.47 -24.20 -21.90
CA LEU C 105 1.25 -23.28 -20.80
C LEU C 105 1.85 -21.90 -21.09
N GLN C 106 3.08 -21.88 -21.62
CA GLN C 106 3.71 -20.60 -21.96
C GLN C 106 2.89 -19.86 -23.01
N LEU C 107 2.42 -20.57 -24.03
CA LEU C 107 1.56 -19.96 -25.03
C LEU C 107 0.28 -19.43 -24.39
N ARG C 108 -0.34 -20.24 -23.50
CA ARG C 108 -1.56 -19.80 -22.85
C ARG C 108 -1.34 -18.51 -22.08
N GLU C 109 -0.21 -18.38 -21.38
CA GLU C 109 0.08 -17.13 -20.68
C GLU C 109 0.13 -15.93 -21.61
N LEU C 110 0.52 -16.10 -22.88
CA LEU C 110 0.61 -14.94 -23.77
C LEU C 110 -0.74 -14.30 -23.99
N ARG C 111 -1.81 -15.09 -23.91
CA ARG C 111 -3.19 -14.68 -24.22
C ARG C 111 -3.38 -14.30 -25.69
N ARG C 112 -2.52 -14.80 -26.58
CA ARG C 112 -2.85 -14.72 -27.99
C ARG C 112 -3.92 -15.77 -28.32
N PRO C 113 -4.80 -15.47 -29.27
CA PRO C 113 -5.75 -16.49 -29.73
C PRO C 113 -5.01 -17.76 -30.11
N MET C 114 -5.53 -18.89 -29.63
CA MET C 114 -4.85 -20.15 -29.85
C MET C 114 -5.83 -21.29 -29.65
N ILE C 115 -5.56 -22.39 -30.34
CA ILE C 115 -6.25 -23.64 -30.07
C ILE C 115 -5.20 -24.72 -29.87
N VAL C 116 -5.57 -25.76 -29.13
CA VAL C 116 -4.68 -26.90 -28.94
C VAL C 116 -5.16 -28.03 -29.83
N VAL C 117 -4.28 -28.51 -30.70
CA VAL C 117 -4.59 -29.63 -31.57
C VAL C 117 -3.84 -30.85 -31.07
N LEU C 118 -4.58 -31.79 -30.46
CA LEU C 118 -4.00 -33.08 -30.07
C LEU C 118 -3.87 -33.97 -31.30
N ASN C 119 -2.64 -34.31 -31.65
CA ASN C 119 -2.38 -35.06 -32.86
C ASN C 119 -2.07 -36.50 -32.47
N LYS C 120 -2.11 -37.38 -33.47
CA LYS C 120 -1.77 -38.79 -33.30
C LYS C 120 -2.73 -39.47 -32.33
N MET C 121 -4.00 -39.12 -32.44
CA MET C 121 -5.03 -39.82 -31.69
C MET C 121 -5.09 -41.29 -32.09
N ASP C 122 -4.71 -41.62 -33.33
CA ASP C 122 -4.64 -43.02 -33.74
C ASP C 122 -3.59 -43.79 -32.94
N ALA C 123 -2.41 -43.20 -32.74
CA ALA C 123 -1.41 -43.86 -31.92
C ALA C 123 -1.89 -43.95 -30.47
N LEU C 124 -2.58 -42.92 -30.00
CA LEU C 124 -3.08 -42.93 -28.63
C LEU C 124 -4.09 -44.05 -28.42
N LYS C 125 -4.92 -44.32 -29.44
CA LYS C 125 -5.88 -45.42 -29.36
C LYS C 125 -5.17 -46.78 -29.31
N ARG C 126 -4.10 -46.94 -30.10
CA ARG C 126 -3.31 -48.18 -30.06
C ARG C 126 -2.74 -48.43 -28.67
N GLU C 127 -2.38 -47.36 -27.95
CA GLU C 127 -1.84 -47.46 -26.61
C GLU C 127 -2.91 -47.66 -25.55
N ARG C 128 -4.19 -47.58 -25.93
CA ARG C 128 -5.32 -47.76 -25.01
C ARG C 128 -5.35 -46.68 -23.95
N VAL C 129 -4.94 -45.47 -24.32
CA VAL C 129 -5.01 -44.31 -23.45
C VAL C 129 -6.13 -43.41 -23.93
N HIS C 130 -6.93 -42.91 -22.99
CA HIS C 130 -8.03 -42.01 -23.28
C HIS C 130 -7.73 -40.66 -22.65
N LEU C 131 -8.10 -39.59 -23.34
CA LEU C 131 -7.91 -38.22 -22.87
C LEU C 131 -9.26 -37.56 -22.73
N ASP C 132 -9.52 -37.01 -21.55
CA ASP C 132 -10.78 -36.32 -21.33
C ASP C 132 -10.63 -34.91 -21.89
N LEU C 133 -11.20 -34.69 -23.08
CA LEU C 133 -11.03 -33.43 -23.80
C LEU C 133 -11.82 -32.31 -23.16
N LYS C 134 -12.98 -32.61 -22.57
CA LYS C 134 -13.71 -31.60 -21.83
C LYS C 134 -12.88 -31.04 -20.68
N GLN C 135 -12.18 -31.92 -19.95
CA GLN C 135 -11.42 -31.47 -18.80
C GLN C 135 -10.14 -30.75 -19.21
N LEU C 136 -9.45 -31.25 -20.23
CA LEU C 136 -8.27 -30.57 -20.72
C LEU C 136 -8.60 -29.12 -21.09
N GLU C 137 -9.71 -28.94 -21.79
CA GLU C 137 -10.22 -27.61 -22.11
C GLU C 137 -10.57 -26.84 -20.83
N ALA C 138 -11.18 -27.52 -19.86
CA ALA C 138 -11.48 -26.89 -18.58
C ALA C 138 -10.20 -26.37 -17.94
N PHE C 139 -9.12 -27.17 -17.98
CA PHE C 139 -7.84 -26.71 -17.43
C PHE C 139 -7.22 -25.61 -18.29
N LEU C 140 -7.33 -25.70 -19.61
CA LEU C 140 -6.56 -24.80 -20.48
C LEU C 140 -7.29 -23.50 -20.83
N GLY C 141 -8.61 -23.48 -20.86
CA GLY C 141 -9.31 -22.28 -21.25
C GLY C 141 -9.11 -21.85 -22.69
N CYS C 142 -8.90 -22.81 -23.60
CA CYS C 142 -8.93 -22.58 -25.04
C CYS C 142 -9.52 -23.83 -25.71
N PRO C 143 -10.01 -23.69 -26.94
CA PRO C 143 -10.47 -24.87 -27.68
C PRO C 143 -9.36 -25.92 -27.79
N VAL C 144 -9.78 -27.17 -27.61
CA VAL C 144 -8.94 -28.35 -27.80
C VAL C 144 -9.59 -29.18 -28.89
N LEU C 145 -8.83 -29.50 -29.93
CA LEU C 145 -9.31 -30.34 -31.01
C LEU C 145 -8.39 -31.54 -31.11
N ALA C 146 -8.96 -32.69 -31.46
CA ALA C 146 -8.21 -33.95 -31.46
C ALA C 146 -8.30 -34.59 -32.84
N LEU C 147 -7.21 -35.15 -33.32
CA LEU C 147 -7.25 -35.75 -34.65
C LEU C 147 -6.00 -36.57 -34.91
N SER C 148 -5.91 -37.10 -36.12
CA SER C 148 -4.70 -37.70 -36.67
C SER C 148 -4.38 -36.99 -37.98
N ALA C 149 -3.24 -36.31 -38.01
CA ALA C 149 -2.89 -35.52 -39.18
C ALA C 149 -2.58 -36.39 -40.38
N ASN C 150 -2.20 -37.64 -40.18
CA ASN C 150 -2.01 -38.57 -41.29
C ASN C 150 -3.34 -39.08 -41.85
N ASN C 151 -4.47 -38.64 -41.32
CA ASN C 151 -5.79 -38.95 -41.86
C ASN C 151 -6.33 -37.73 -42.62
N LYS C 152 -6.56 -37.89 -43.93
CA LYS C 152 -6.99 -36.78 -44.77
C LYS C 152 -8.39 -36.28 -44.40
N GLU C 153 -9.34 -37.19 -44.17
CA GLU C 153 -10.73 -36.78 -43.91
C GLU C 153 -10.84 -36.01 -42.59
N GLN C 154 -10.02 -36.35 -41.61
CA GLN C 154 -10.03 -35.60 -40.36
C GLN C 154 -9.34 -34.26 -40.51
N VAL C 155 -8.28 -34.21 -41.34
CA VAL C 155 -7.66 -32.93 -41.65
C VAL C 155 -8.66 -32.01 -42.37
N ARG C 156 -9.42 -32.58 -43.31
CA ARG C 156 -10.44 -31.80 -44.00
C ARG C 156 -11.50 -31.27 -43.03
N ARG C 157 -11.95 -32.11 -42.09
CA ARG C 157 -12.92 -31.66 -41.10
C ARG C 157 -12.31 -30.64 -40.14
N PHE C 158 -11.02 -30.79 -39.83
CA PHE C 158 -10.35 -29.82 -38.97
C PHE C 158 -10.28 -28.44 -39.63
N LYS C 159 -10.07 -28.42 -40.94
CA LYS C 159 -10.07 -27.16 -41.67
C LYS C 159 -11.38 -26.42 -41.45
N GLU C 160 -12.51 -27.13 -41.56
CA GLU C 160 -13.80 -26.47 -41.41
C GLU C 160 -14.03 -26.01 -39.97
N LYS C 161 -13.56 -26.78 -38.99
CA LYS C 161 -13.67 -26.35 -37.61
C LYS C 161 -12.82 -25.11 -37.35
N LEU C 162 -11.57 -25.13 -37.85
CA LEU C 162 -10.69 -23.98 -37.66
C LEU C 162 -11.32 -22.72 -38.23
N HIS C 163 -11.89 -22.83 -39.44
CA HIS C 163 -12.51 -21.69 -40.08
C HIS C 163 -13.67 -21.15 -39.25
N LYS C 164 -14.53 -22.05 -38.74
CA LYS C 164 -15.65 -21.65 -37.90
C LYS C 164 -15.18 -20.89 -36.66
N LEU C 165 -14.14 -21.42 -35.99
CA LEU C 165 -13.59 -20.73 -34.83
C LEU C 165 -13.03 -19.36 -35.21
N LEU C 166 -12.34 -19.29 -36.35
CA LEU C 166 -11.82 -18.00 -36.81
C LEU C 166 -12.94 -17.00 -37.04
N VAL C 167 -14.09 -17.48 -37.55
CA VAL C 167 -15.19 -16.56 -37.84
C VAL C 167 -15.88 -16.11 -36.57
N GLN C 168 -16.10 -17.01 -35.61
CA GLN C 168 -16.76 -16.57 -34.39
C GLN C 168 -15.82 -15.79 -33.48
N GLY C 169 -14.52 -16.06 -33.54
CA GLY C 169 -13.54 -15.44 -32.67
C GLY C 169 -13.30 -16.28 -31.43
N ILE C 170 -12.05 -16.34 -30.98
CA ILE C 170 -11.62 -17.29 -29.97
C ILE C 170 -11.45 -16.62 -28.60
N ALA C 171 -10.91 -15.39 -28.57
CA ALA C 171 -10.24 -14.83 -27.40
C ALA C 171 -10.90 -15.15 -26.07
N LEU C 172 -10.13 -15.75 -25.16
CA LEU C 172 -10.60 -16.22 -23.86
C LEU C 172 -9.70 -15.64 -22.75
N LYS C 173 -9.87 -16.12 -21.54
CA LYS C 173 -9.30 -15.49 -20.36
C LYS C 173 -8.01 -16.17 -19.93
N GLN C 174 -7.36 -15.58 -18.92
CA GLN C 174 -6.13 -16.12 -18.33
C GLN C 174 -6.37 -17.52 -17.75
N ILE C 175 -5.26 -18.21 -17.45
CA ILE C 175 -5.28 -19.51 -16.75
C ILE C 175 -4.88 -19.29 -15.30
N GLU C 176 -5.31 -20.22 -14.43
CA GLU C 176 -5.16 -20.17 -12.98
C GLU C 176 -3.77 -20.66 -12.56
N LEU C 177 -2.77 -19.88 -12.93
CA LEU C 177 -1.39 -20.12 -12.53
C LEU C 177 -0.95 -19.01 -11.59
N HIS C 178 -0.47 -19.36 -10.40
CA HIS C 178 0.20 -18.36 -9.57
C HIS C 178 1.59 -18.82 -9.18
N TYR C 179 2.50 -17.85 -9.07
CA TYR C 179 3.89 -18.07 -8.79
C TYR C 179 4.29 -17.61 -7.40
N GLY C 180 3.32 -17.41 -6.50
CA GLY C 180 3.61 -17.03 -5.13
C GLY C 180 3.76 -15.54 -4.96
N ALA C 181 3.59 -15.09 -3.70
CA ALA C 181 3.35 -13.68 -3.43
C ALA C 181 4.51 -12.79 -3.85
N GLU C 182 5.75 -13.26 -3.66
CA GLU C 182 6.89 -12.42 -4.01
C GLU C 182 6.95 -12.19 -5.52
N PHE C 183 7.05 -13.28 -6.30
CA PHE C 183 7.20 -13.15 -7.74
C PHE C 183 5.98 -12.47 -8.36
N GLU C 184 4.78 -12.72 -7.81
CA GLU C 184 3.59 -12.06 -8.33
C GLU C 184 3.67 -10.54 -8.14
N SER C 185 4.23 -10.08 -7.04
CA SER C 185 4.40 -8.64 -6.87
C SER C 185 5.40 -8.06 -7.87
N LEU C 186 6.47 -8.79 -8.19
CA LEU C 186 7.38 -8.34 -9.23
C LEU C 186 6.68 -8.21 -10.58
N ILE C 187 5.82 -9.19 -10.92
CA ILE C 187 5.04 -9.13 -12.15
C ILE C 187 4.20 -7.85 -12.20
N HIS C 188 3.45 -7.57 -11.13
CA HIS C 188 2.60 -6.37 -11.10
C HIS C 188 3.41 -5.07 -11.21
N GLU C 189 4.65 -5.08 -10.72
CA GLU C 189 5.48 -3.89 -10.79
C GLU C 189 5.93 -3.62 -12.22
N LEU C 190 6.22 -4.67 -12.98
CA LEU C 190 6.72 -4.50 -14.35
C LEU C 190 5.61 -4.41 -15.39
N GLU C 191 4.43 -4.99 -15.12
CA GLU C 191 3.34 -4.99 -16.09
C GLU C 191 3.05 -3.63 -16.73
N PRO C 192 3.05 -2.50 -16.02
CA PRO C 192 2.64 -1.23 -16.66
C PRO C 192 3.52 -0.77 -17.81
N MET C 193 4.77 -1.23 -17.88
CA MET C 193 5.62 -0.91 -19.01
C MET C 193 5.53 -1.96 -20.11
N PHE C 194 4.56 -2.86 -20.04
CA PHE C 194 4.22 -3.75 -21.15
C PHE C 194 2.74 -3.60 -21.51
N ALA C 195 2.19 -2.44 -21.22
CA ALA C 195 0.77 -2.19 -21.47
C ALA C 195 0.50 -2.03 -22.97
N GLU C 196 -0.67 -2.52 -23.40
CA GLU C 196 -1.26 -2.24 -24.71
C GLU C 196 -0.43 -2.84 -25.85
N GLN C 197 -0.16 -4.14 -25.74
CA GLN C 197 0.51 -4.91 -26.78
C GLN C 197 -0.41 -6.03 -27.26
N ALA C 198 0.09 -6.81 -28.23
CA ALA C 198 -0.64 -7.98 -28.73
C ALA C 198 -0.56 -9.17 -27.77
N VAL C 199 0.56 -9.31 -27.08
CA VAL C 199 0.77 -10.30 -26.03
C VAL C 199 0.50 -9.62 -24.69
N SER C 200 -0.05 -10.37 -23.73
CA SER C 200 -0.47 -9.77 -22.48
C SER C 200 0.71 -9.25 -21.67
N ALA C 201 0.45 -8.20 -20.90
CA ALA C 201 1.50 -7.56 -20.10
C ALA C 201 2.05 -8.54 -19.05
N ARG C 202 1.19 -9.39 -18.50
CA ARG C 202 1.64 -10.36 -17.49
C ARG C 202 2.72 -11.26 -18.06
N ALA C 203 2.46 -11.85 -19.22
CA ALA C 203 3.44 -12.71 -19.87
C ALA C 203 4.73 -11.97 -20.19
N LEU C 204 4.62 -10.72 -20.66
CA LEU C 204 5.81 -9.91 -20.95
C LEU C 204 6.63 -9.68 -19.69
N ALA C 205 5.96 -9.35 -18.58
CA ALA C 205 6.69 -9.13 -17.33
C ALA C 205 7.39 -10.42 -16.89
N ILE C 206 6.69 -11.55 -17.01
CA ILE C 206 7.29 -12.84 -16.71
C ILE C 206 8.48 -13.11 -17.62
N ARG C 207 8.30 -12.96 -18.94
CA ARG C 207 9.43 -13.18 -19.84
C ARG C 207 10.61 -12.27 -19.47
N ALA C 208 10.32 -11.01 -19.12
CA ALA C 208 11.38 -10.10 -18.69
C ALA C 208 12.06 -10.59 -17.41
N LEU C 209 11.30 -11.06 -16.42
CA LEU C 209 11.93 -11.53 -15.19
C LEU C 209 12.75 -12.79 -15.43
N GLU C 210 12.31 -13.62 -16.38
CA GLU C 210 13.00 -14.80 -16.88
C GLU C 210 14.23 -14.48 -17.72
N ASN C 211 14.52 -13.20 -17.99
CA ASN C 211 15.69 -12.70 -18.75
C ASN C 211 15.55 -12.82 -20.26
N ASP C 212 14.33 -12.93 -20.79
CA ASP C 212 14.10 -12.95 -22.23
C ASP C 212 14.60 -11.66 -22.88
N ARG C 213 15.50 -11.79 -23.85
CA ARG C 213 16.17 -10.58 -24.35
C ARG C 213 15.38 -9.87 -25.46
N LEU C 214 14.53 -10.57 -26.21
CA LEU C 214 13.67 -9.89 -27.17
C LEU C 214 12.81 -8.85 -26.48
N VAL C 215 12.09 -9.27 -25.42
CA VAL C 215 11.23 -8.34 -24.71
C VAL C 215 12.06 -7.31 -23.98
N ILE C 216 13.18 -7.74 -23.37
CA ILE C 216 14.03 -6.81 -22.62
C ILE C 216 14.62 -5.74 -23.54
N ASN C 217 15.11 -6.15 -24.72
CA ASN C 217 15.77 -5.18 -25.59
C ASN C 217 14.81 -4.16 -26.19
N GLY C 218 13.50 -4.43 -26.16
CA GLY C 218 12.56 -3.42 -26.60
C GLY C 218 12.42 -2.26 -25.63
N LEU C 219 12.82 -2.45 -24.38
CA LEU C 219 12.66 -1.45 -23.34
C LEU C 219 13.74 -0.37 -23.44
N LYS C 220 13.46 0.77 -22.83
CA LYS C 220 14.50 1.77 -22.62
C LYS C 220 15.57 1.21 -21.69
N GLU C 221 16.78 1.75 -21.82
CA GLU C 221 17.87 1.39 -20.89
C GLU C 221 17.44 1.63 -19.45
N ALA C 222 16.63 2.67 -19.21
CA ALA C 222 16.07 2.88 -17.88
C ALA C 222 15.19 1.70 -17.47
N GLU C 223 14.33 1.25 -18.39
CA GLU C 223 13.47 0.11 -18.10
C GLU C 223 14.27 -1.20 -18.06
N ARG C 224 15.33 -1.30 -18.86
CA ARG C 224 16.19 -2.47 -18.77
C ARG C 224 16.79 -2.61 -17.38
N GLN C 225 17.41 -1.52 -16.88
CA GLN C 225 18.08 -1.61 -15.59
C GLN C 225 17.10 -1.98 -14.48
N ASN C 226 15.87 -1.44 -14.56
CA ASN C 226 14.83 -1.81 -13.60
C ASN C 226 14.59 -3.32 -13.60
N VAL C 227 14.47 -3.92 -14.77
CA VAL C 227 14.22 -5.36 -14.85
C VAL C 227 15.35 -6.13 -14.17
N GLU C 228 16.58 -5.74 -14.47
CA GLU C 228 17.74 -6.54 -14.09
C GLU C 228 18.10 -6.38 -12.62
N GLN C 229 17.62 -5.30 -11.96
CA GLN C 229 17.74 -5.21 -10.51
C GLN C 229 16.64 -6.01 -9.81
N ARG C 230 15.45 -6.05 -10.39
CA ARG C 230 14.42 -6.98 -9.90
C ARG C 230 14.92 -8.41 -9.96
N GLN C 231 15.55 -8.80 -11.07
CA GLN C 231 16.11 -10.13 -11.18
C GLN C 231 17.13 -10.38 -10.09
N HIS C 232 17.98 -9.39 -9.81
CA HIS C 232 19.04 -9.56 -8.83
C HIS C 232 18.50 -9.53 -7.40
N GLU C 233 17.55 -8.64 -7.12
CA GLU C 233 17.05 -8.50 -5.75
C GLU C 233 16.03 -9.57 -5.37
N CYS C 234 15.56 -10.38 -6.32
CA CYS C 234 14.61 -11.43 -6.00
C CYS C 234 15.32 -12.55 -5.24
N GLN C 235 14.79 -12.90 -4.08
CA GLN C 235 15.44 -13.91 -3.24
C GLN C 235 15.43 -15.28 -3.92
N VAL C 236 14.31 -15.66 -4.51
CA VAL C 236 14.09 -17.00 -5.04
C VAL C 236 14.61 -17.09 -6.47
N ASP C 237 15.21 -18.24 -6.81
CA ASP C 237 15.67 -18.53 -8.17
C ASP C 237 14.50 -18.52 -9.13
N ILE C 238 14.49 -17.54 -10.02
CA ILE C 238 13.32 -17.33 -10.87
C ILE C 238 13.10 -18.52 -11.81
N ASP C 239 14.16 -19.04 -12.43
CA ASP C 239 14.01 -20.15 -13.37
C ASP C 239 13.39 -21.37 -12.69
N LEU C 240 13.90 -21.73 -11.52
CA LEU C 240 13.34 -22.86 -10.79
C LEU C 240 11.88 -22.59 -10.42
N LEU C 241 11.59 -21.37 -9.96
CA LEU C 241 10.24 -21.05 -9.53
C LEU C 241 9.25 -21.23 -10.66
N VAL C 242 9.47 -20.55 -11.79
CA VAL C 242 8.46 -20.61 -12.85
C VAL C 242 8.34 -22.03 -13.38
N ALA C 243 9.46 -22.74 -13.46
CA ALA C 243 9.41 -24.13 -13.92
C ALA C 243 8.63 -24.99 -12.93
N ASN C 244 8.96 -24.88 -11.64
CA ASN C 244 8.26 -25.63 -10.60
C ASN C 244 6.75 -25.40 -10.66
N VAL C 245 6.34 -24.14 -10.76
CA VAL C 245 4.93 -23.80 -10.77
C VAL C 245 4.26 -24.42 -12.00
N ARG C 246 4.89 -24.28 -13.17
CA ARG C 246 4.26 -24.79 -14.39
C ARG C 246 4.16 -26.31 -14.36
N TYR C 247 5.22 -27.01 -13.94
CA TYR C 247 5.17 -28.46 -13.93
C TYR C 247 4.14 -28.97 -12.93
N THR C 248 4.07 -28.33 -11.75
CA THR C 248 3.05 -28.68 -10.78
C THR C 248 1.66 -28.57 -11.39
N TYR C 249 1.38 -27.46 -12.07
CA TYR C 249 0.10 -27.36 -12.76
C TYR C 249 -0.08 -28.54 -13.71
N LEU C 250 0.94 -28.82 -14.54
CA LEU C 250 0.81 -29.81 -15.60
C LEU C 250 0.58 -31.21 -15.05
N HIS C 251 1.32 -31.59 -14.00
CA HIS C 251 1.12 -32.91 -13.44
C HIS C 251 -0.29 -33.07 -12.90
N GLU C 252 -0.83 -32.02 -12.27
CA GLU C 252 -2.21 -32.07 -11.81
C GLU C 252 -3.16 -32.27 -12.99
N LEU C 253 -2.92 -31.52 -14.07
CA LEU C 253 -3.81 -31.61 -15.22
C LEU C 253 -3.78 -33.01 -15.84
N CYS C 254 -2.59 -33.61 -15.91
CA CYS C 254 -2.48 -34.90 -16.57
C CYS C 254 -3.13 -36.01 -15.76
N THR C 255 -3.02 -35.94 -14.43
CA THR C 255 -3.58 -37.00 -13.60
C THR C 255 -5.09 -37.10 -13.72
N HIS C 256 -5.76 -36.03 -14.12
CA HIS C 256 -7.22 -36.03 -14.29
C HIS C 256 -7.67 -36.24 -15.73
N VAL C 257 -6.83 -35.92 -16.71
CA VAL C 257 -7.21 -35.89 -18.12
C VAL C 257 -6.83 -37.21 -18.79
N ARG C 258 -5.74 -37.81 -18.32
CA ARG C 258 -5.20 -39.03 -18.91
C ARG C 258 -5.73 -40.21 -18.09
N ARG C 259 -6.51 -41.08 -18.74
CA ARG C 259 -7.33 -42.07 -18.04
C ARG C 259 -6.72 -43.48 -18.00
N THR C 260 -6.17 -43.95 -19.12
CA THR C 260 -5.79 -45.37 -19.34
C THR C 260 -6.86 -46.41 -18.96
N SER D 1 -18.07 19.83 41.92
CA SER D 1 -17.09 19.04 41.19
C SER D 1 -15.69 19.22 41.80
N LYS D 2 -14.81 18.26 41.53
CA LYS D 2 -13.40 18.36 41.89
C LYS D 2 -12.57 18.31 40.62
N TYR D 3 -11.67 19.27 40.45
CA TYR D 3 -10.81 19.37 39.28
C TYR D 3 -9.35 19.16 39.67
N GLN D 4 -8.63 18.38 38.86
CA GLN D 4 -7.20 18.19 39.03
C GLN D 4 -6.45 19.06 38.02
N VAL D 5 -5.53 19.88 38.52
CA VAL D 5 -4.85 20.89 37.71
C VAL D 5 -3.34 20.71 37.90
N LEU D 6 -2.64 20.40 36.80
CA LEU D 6 -1.19 20.31 36.79
C LEU D 6 -0.63 21.60 36.25
N THR D 7 0.39 22.13 36.90
CA THR D 7 1.06 23.32 36.41
C THR D 7 2.48 22.92 36.02
N VAL D 8 2.88 23.31 34.82
CA VAL D 8 4.17 22.89 34.29
C VAL D 8 4.80 24.04 33.52
N GLY D 9 6.12 24.14 33.61
CA GLY D 9 6.83 25.09 32.78
C GLY D 9 8.31 24.92 32.96
N ASN D 10 9.04 25.86 32.38
CA ASN D 10 10.48 25.96 32.56
C ASN D 10 10.80 26.41 33.97
N PRO D 11 12.04 26.18 34.42
CA PRO D 11 12.50 26.83 35.66
C PRO D 11 12.34 28.33 35.58
N ASN D 12 12.04 28.95 36.72
CA ASN D 12 11.96 30.41 36.87
C ASN D 12 10.91 31.02 35.95
N SER D 13 9.84 30.27 35.69
CA SER D 13 8.75 30.83 34.90
C SER D 13 7.68 31.49 35.78
N GLY D 14 7.77 31.32 37.09
CA GLY D 14 6.75 31.83 37.98
C GLY D 14 5.68 30.83 38.37
N LYS D 15 5.96 29.52 38.33
CA LYS D 15 4.97 28.51 38.67
C LYS D 15 4.53 28.61 40.14
N THR D 16 5.49 28.78 41.05
CA THR D 16 5.17 28.79 42.47
C THR D 16 4.41 30.07 42.85
N THR D 17 4.76 31.19 42.22
CA THR D 17 4.05 32.43 42.49
C THR D 17 2.58 32.33 42.05
N LEU D 18 2.35 31.80 40.85
CA LEU D 18 0.98 31.56 40.42
C LEU D 18 0.31 30.53 41.34
N PHE D 19 1.04 29.48 41.71
CA PHE D 19 0.53 28.49 42.66
C PHE D 19 0.14 29.14 43.98
N ASN D 20 1.06 29.90 44.58
CA ASN D 20 0.78 30.52 45.86
C ASN D 20 -0.41 31.46 45.79
N GLY D 21 -0.52 32.21 44.68
CA GLY D 21 -1.64 33.11 44.52
C GLY D 21 -2.97 32.39 44.41
N LEU D 22 -2.98 31.24 43.73
CA LEU D 22 -4.23 30.49 43.58
C LEU D 22 -4.65 29.83 44.89
N THR D 23 -3.70 29.19 45.58
CA THR D 23 -3.99 28.37 46.77
C THR D 23 -4.02 29.18 48.06
N GLY D 24 -3.58 30.44 48.03
CA GLY D 24 -3.43 31.18 49.26
C GLY D 24 -2.26 30.76 50.10
N ALA D 25 -1.31 30.00 49.53
CA ALA D 25 -0.16 29.57 50.30
C ALA D 25 1.00 30.54 50.09
N LYS D 39 6.45 23.28 49.52
CA LYS D 39 5.22 22.51 49.32
C LYS D 39 4.72 22.66 47.88
N LYS D 40 4.48 21.53 47.21
CA LYS D 40 4.19 21.49 45.79
C LYS D 40 2.77 21.05 45.47
N THR D 41 1.96 20.78 46.48
CA THR D 41 0.61 20.30 46.30
C THR D 41 -0.33 21.20 47.10
N GLY D 42 -1.48 21.51 46.51
CA GLY D 42 -2.40 22.41 47.18
C GLY D 42 -3.79 22.33 46.59
N SER D 43 -4.69 23.09 47.20
CA SER D 43 -6.07 23.14 46.76
C SER D 43 -6.64 24.54 46.98
N PHE D 44 -7.79 24.77 46.35
CA PHE D 44 -8.62 25.91 46.66
C PHE D 44 -10.03 25.57 46.21
N VAL D 45 -10.99 26.32 46.74
CA VAL D 45 -12.40 26.20 46.41
C VAL D 45 -12.80 27.48 45.67
N HIS D 46 -13.48 27.34 44.54
CA HIS D 46 -14.00 28.53 43.87
C HIS D 46 -15.38 28.26 43.30
N ALA D 47 -16.33 29.13 43.63
CA ALA D 47 -17.70 29.06 43.14
C ALA D 47 -18.29 27.66 43.31
N GLY D 48 -18.10 27.09 44.51
CA GLY D 48 -18.69 25.83 44.88
C GLY D 48 -17.91 24.59 44.50
N ASP D 49 -16.93 24.70 43.61
CA ASP D 49 -16.13 23.56 43.16
C ASP D 49 -14.75 23.57 43.81
N GLU D 50 -14.09 22.43 43.75
CA GLU D 50 -12.81 22.24 44.41
C GLU D 50 -11.75 21.93 43.37
N PHE D 51 -10.53 22.39 43.63
CA PHE D 51 -9.44 22.29 42.68
C PHE D 51 -8.22 21.75 43.41
N SER D 52 -7.69 20.65 42.91
CA SER D 52 -6.40 20.13 43.36
C SER D 52 -5.33 20.62 42.40
N LEU D 53 -4.30 21.25 42.94
CA LEU D 53 -3.29 21.94 42.15
C LEU D 53 -1.94 21.33 42.45
N THR D 54 -1.21 20.97 41.40
CA THR D 54 0.10 20.36 41.54
C THR D 54 1.13 21.17 40.77
N ASP D 55 2.21 21.54 41.45
CA ASP D 55 3.26 22.41 40.90
C ASP D 55 4.43 21.51 40.51
N LEU D 56 4.52 21.17 39.23
CA LEU D 56 5.58 20.25 38.84
C LEU D 56 6.93 20.95 38.75
N PRO D 57 8.03 20.21 38.95
CA PRO D 57 9.36 20.83 38.83
C PRO D 57 9.60 21.37 37.42
N GLY D 58 10.31 22.51 37.37
CA GLY D 58 10.57 23.13 36.08
C GLY D 58 11.36 22.20 35.18
N ILE D 59 10.98 22.16 33.91
CA ILE D 59 11.67 21.37 32.90
C ILE D 59 11.64 22.12 31.58
N TYR D 60 12.67 21.93 30.77
CA TYR D 60 12.67 22.48 29.42
C TYR D 60 12.07 21.55 28.39
N ALA D 61 12.06 20.25 28.68
CA ALA D 61 11.53 19.24 27.77
C ALA D 61 11.19 18.01 28.58
N LEU D 62 10.37 17.12 27.98
CA LEU D 62 10.07 15.84 28.58
C LEU D 62 11.27 14.91 28.52
N ASP D 63 11.54 14.24 29.64
CA ASP D 63 12.57 13.20 29.68
C ASP D 63 12.30 12.12 28.64
N ILE D 71 15.89 13.09 39.36
CA ILE D 71 16.34 13.82 38.19
C ILE D 71 15.47 15.06 38.03
N ASP D 72 14.21 14.92 38.48
CA ASP D 72 13.17 15.96 38.52
C ASP D 72 12.61 16.27 37.14
N GLU D 73 13.28 15.81 36.10
CA GLU D 73 12.70 15.83 34.76
C GLU D 73 11.88 14.58 34.52
N SER D 74 12.33 13.44 35.03
CA SER D 74 11.53 12.23 34.98
C SER D 74 10.23 12.39 35.76
N ILE D 75 10.31 12.98 36.97
CA ILE D 75 9.11 13.18 37.78
C ILE D 75 8.10 14.03 37.03
N ALA D 76 8.54 15.19 36.53
CA ALA D 76 7.63 16.09 35.83
C ALA D 76 7.12 15.47 34.53
N SER D 77 8.00 14.81 33.77
CA SER D 77 7.54 14.16 32.55
C SER D 77 6.55 13.05 32.85
N ARG D 78 6.87 12.22 33.84
CA ARG D 78 5.98 11.11 34.19
C ARG D 78 4.61 11.61 34.65
N ALA D 79 4.60 12.67 35.48
CA ALA D 79 3.32 13.21 35.94
C ALA D 79 2.48 13.74 34.80
N VAL D 80 3.10 14.46 33.86
CA VAL D 80 2.39 14.96 32.71
C VAL D 80 1.82 13.81 31.87
N LEU D 81 2.40 12.60 32.01
CA LEU D 81 1.98 11.43 31.25
C LEU D 81 1.06 10.49 32.00
N THR D 82 0.96 10.59 33.32
CA THR D 82 0.22 9.60 34.10
C THR D 82 -0.72 10.17 35.15
N HIS D 83 -0.49 11.39 35.63
CA HIS D 83 -1.39 11.98 36.60
C HIS D 83 -2.72 12.31 35.95
N PRO D 84 -3.81 12.22 36.70
CA PRO D 84 -5.08 12.80 36.25
C PRO D 84 -4.97 14.31 36.11
N ALA D 85 -5.64 14.84 35.10
CA ALA D 85 -5.67 16.28 34.93
C ALA D 85 -6.87 16.63 34.06
N ASP D 86 -7.74 17.48 34.59
CA ASP D 86 -8.75 18.14 33.79
C ASP D 86 -8.16 19.28 32.97
N VAL D 87 -6.99 19.76 33.37
CA VAL D 87 -6.29 20.78 32.60
C VAL D 87 -4.83 20.73 33.02
N ILE D 88 -3.94 21.10 32.10
CA ILE D 88 -2.55 21.36 32.40
C ILE D 88 -2.32 22.85 32.17
N ILE D 89 -1.87 23.56 33.20
CA ILE D 89 -1.53 24.97 33.06
C ILE D 89 -0.05 25.04 32.72
N ASN D 90 0.25 25.44 31.50
CA ASN D 90 1.62 25.58 31.03
C ASN D 90 2.05 27.02 31.28
N VAL D 91 2.88 27.23 32.30
CA VAL D 91 3.32 28.58 32.65
C VAL D 91 4.59 28.91 31.87
N VAL D 92 4.55 30.04 31.17
CA VAL D 92 5.57 30.46 30.21
C VAL D 92 6.06 31.85 30.61
N ASP D 93 7.36 31.98 30.86
CA ASP D 93 7.98 33.29 31.04
C ASP D 93 7.95 34.02 29.71
N ALA D 94 7.12 35.06 29.61
CA ALA D 94 6.91 35.73 28.33
C ALA D 94 8.17 36.47 27.87
N THR D 95 9.09 36.81 28.77
CA THR D 95 10.36 37.39 28.35
C THR D 95 11.33 36.35 27.80
N CYS D 96 10.94 35.07 27.77
CA CYS D 96 11.78 34.02 27.23
C CYS D 96 10.94 33.10 26.37
N LEU D 97 10.14 33.70 25.49
CA LEU D 97 9.08 32.97 24.81
C LEU D 97 9.63 31.81 23.98
N GLU D 98 10.66 32.06 23.17
CA GLU D 98 11.06 31.05 22.19
C GLU D 98 11.59 29.79 22.87
N ARG D 99 12.43 29.94 23.89
CA ARG D 99 12.96 28.78 24.61
C ARG D 99 11.85 28.03 25.35
N SER D 100 10.87 28.76 25.86
CA SER D 100 9.80 28.16 26.65
C SER D 100 8.78 27.42 25.79
N LEU D 101 8.57 27.86 24.54
CA LEU D 101 7.56 27.21 23.73
C LEU D 101 7.94 25.80 23.28
N TYR D 102 9.20 25.37 23.46
CA TYR D 102 9.54 23.99 23.12
C TYR D 102 8.71 23.02 23.93
N MET D 103 8.71 23.20 25.26
CA MET D 103 7.88 22.42 26.16
C MET D 103 6.42 22.52 25.76
N THR D 104 5.96 23.76 25.50
CA THR D 104 4.58 24.01 25.08
C THR D 104 4.22 23.12 23.90
N LEU D 105 5.10 23.07 22.90
CA LEU D 105 4.83 22.26 21.72
C LEU D 105 4.69 20.80 22.10
N GLN D 106 5.58 20.30 22.95
CA GLN D 106 5.49 18.91 23.40
C GLN D 106 4.20 18.65 24.15
N LEU D 107 3.80 19.58 25.02
CA LEU D 107 2.50 19.45 25.66
C LEU D 107 1.38 19.49 24.64
N ARG D 108 1.54 20.26 23.54
CA ARG D 108 0.47 20.31 22.56
C ARG D 108 0.33 18.98 21.82
N GLU D 109 1.45 18.32 21.49
CA GLU D 109 1.39 17.02 20.84
C GLU D 109 0.62 15.99 21.66
N LEU D 110 0.63 16.14 22.99
CA LEU D 110 -0.06 15.18 23.86
C LEU D 110 -1.57 15.24 23.70
N ARG D 111 -2.10 16.41 23.35
CA ARG D 111 -3.52 16.66 23.15
C ARG D 111 -4.33 16.55 24.45
N ARG D 112 -3.68 16.60 25.61
CA ARG D 112 -4.39 16.74 26.86
C ARG D 112 -4.98 18.14 26.97
N PRO D 113 -6.09 18.31 27.70
CA PRO D 113 -6.62 19.67 27.93
C PRO D 113 -5.53 20.54 28.54
N MET D 114 -5.34 21.71 27.96
CA MET D 114 -4.27 22.56 28.47
C MET D 114 -4.52 24.01 28.11
N ILE D 115 -3.88 24.89 28.87
CA ILE D 115 -3.86 26.31 28.55
C ILE D 115 -2.45 26.81 28.77
N VAL D 116 -2.07 27.83 28.01
CA VAL D 116 -0.79 28.49 28.19
C VAL D 116 -1.02 29.76 28.98
N VAL D 117 -0.27 29.94 30.04
CA VAL D 117 -0.30 31.18 30.80
C VAL D 117 1.02 31.88 30.56
N LEU D 118 0.96 32.97 29.79
CA LEU D 118 2.09 33.87 29.61
C LEU D 118 2.29 34.67 30.87
N ASN D 119 3.37 34.41 31.58
CA ASN D 119 3.62 35.09 32.83
C ASN D 119 4.63 36.22 32.61
N LYS D 120 4.74 37.09 33.62
CA LYS D 120 5.70 38.20 33.69
C LYS D 120 5.48 39.24 32.58
N MET D 121 4.22 39.45 32.19
CA MET D 121 3.93 40.46 31.16
C MET D 121 4.37 41.86 31.61
N ASP D 122 4.38 42.11 32.91
CA ASP D 122 4.89 43.36 33.44
C ASP D 122 6.36 43.56 33.11
N ALA D 123 7.18 42.52 33.28
CA ALA D 123 8.58 42.60 32.90
C ALA D 123 8.74 42.69 31.39
N LEU D 124 7.83 42.07 30.66
CA LEU D 124 7.84 42.18 29.20
C LEU D 124 7.64 43.63 28.76
N LYS D 125 6.71 44.33 29.42
CA LYS D 125 6.40 45.71 29.04
C LYS D 125 7.56 46.64 29.36
N ARG D 126 8.27 46.38 30.46
CA ARG D 126 9.46 47.15 30.78
C ARG D 126 10.60 46.88 29.80
N GLU D 127 10.55 45.78 29.06
CA GLU D 127 11.55 45.49 28.04
C GLU D 127 11.18 46.08 26.69
N ARG D 128 10.04 46.77 26.59
CA ARG D 128 9.52 47.29 25.32
C ARG D 128 9.40 46.19 24.28
N VAL D 129 8.93 45.02 24.70
CA VAL D 129 8.64 43.93 23.79
C VAL D 129 7.13 43.80 23.65
N HIS D 130 6.67 43.58 22.42
CA HIS D 130 5.26 43.43 22.11
C HIS D 130 5.01 42.03 21.56
N LEU D 131 3.95 41.39 22.05
CA LEU D 131 3.59 40.03 21.64
C LEU D 131 2.23 40.05 20.97
N ASP D 132 2.15 39.47 19.79
CA ASP D 132 0.87 39.28 19.12
C ASP D 132 0.23 38.03 19.72
N LEU D 133 -0.67 38.23 20.69
CA LEU D 133 -1.28 37.12 21.43
C LEU D 133 -2.38 36.42 20.62
N LYS D 134 -3.14 37.17 19.81
CA LYS D 134 -4.15 36.55 18.97
C LYS D 134 -3.51 35.57 17.98
N GLN D 135 -2.40 35.95 17.37
CA GLN D 135 -1.72 35.05 16.45
C GLN D 135 -1.06 33.88 17.20
N LEU D 136 -0.50 34.15 18.37
CA LEU D 136 0.13 33.09 19.15
C LEU D 136 -0.88 31.99 19.47
N GLU D 137 -2.08 32.39 19.93
CA GLU D 137 -3.13 31.42 20.20
C GLU D 137 -3.56 30.72 18.92
N ALA D 138 -3.63 31.48 17.82
CA ALA D 138 -4.03 30.90 16.54
C ALA D 138 -3.07 29.81 16.08
N PHE D 139 -1.77 29.98 16.34
CA PHE D 139 -0.80 28.96 16.00
C PHE D 139 -0.84 27.79 16.98
N LEU D 140 -1.03 28.10 18.27
CA LEU D 140 -0.95 27.08 19.30
C LEU D 140 -2.19 26.23 19.35
N GLY D 141 -3.34 26.77 18.97
CA GLY D 141 -4.56 25.99 19.01
C GLY D 141 -5.06 25.64 20.40
N CYS D 142 -4.71 26.43 21.40
CA CYS D 142 -5.20 26.30 22.75
C CYS D 142 -5.33 27.68 23.36
N PRO D 143 -6.10 27.82 24.44
CA PRO D 143 -6.20 29.12 25.09
C PRO D 143 -4.83 29.62 25.57
N VAL D 144 -4.57 30.91 25.29
CA VAL D 144 -3.42 31.62 25.83
C VAL D 144 -3.95 32.73 26.70
N LEU D 145 -3.46 32.80 27.93
CA LEU D 145 -3.87 33.86 28.85
C LEU D 145 -2.61 34.51 29.37
N ALA D 146 -2.54 35.83 29.28
CA ALA D 146 -1.36 36.58 29.67
C ALA D 146 -1.65 37.26 30.97
N LEU D 147 -0.68 37.27 31.90
CA LEU D 147 -0.86 38.02 33.14
C LEU D 147 0.50 38.21 33.81
N SER D 148 0.46 38.83 34.98
CA SER D 148 1.61 38.90 35.88
C SER D 148 1.21 38.20 37.17
N ALA D 149 1.85 37.06 37.45
CA ALA D 149 1.46 36.24 38.60
C ALA D 149 1.64 36.95 39.92
N ASN D 150 2.45 38.01 39.97
CA ASN D 150 2.60 38.79 41.19
C ASN D 150 1.55 39.90 41.32
N ASN D 151 0.53 39.88 40.46
CA ASN D 151 -0.56 40.85 40.46
C ASN D 151 -1.80 40.11 40.97
N LYS D 152 -2.12 40.31 42.25
CA LYS D 152 -3.21 39.56 42.90
C LYS D 152 -4.52 39.71 42.13
N GLU D 153 -4.78 40.90 41.58
CA GLU D 153 -6.03 41.13 40.86
C GLU D 153 -6.10 40.29 39.58
N GLN D 154 -5.00 40.21 38.82
CA GLN D 154 -5.02 39.38 37.63
C GLN D 154 -5.12 37.90 37.98
N VAL D 155 -4.43 37.49 39.05
CA VAL D 155 -4.49 36.09 39.47
C VAL D 155 -5.92 35.72 39.88
N ARG D 156 -6.60 36.59 40.61
CA ARG D 156 -8.01 36.37 40.94
C ARG D 156 -8.87 36.28 39.69
N ARG D 157 -8.67 37.21 38.75
CA ARG D 157 -9.38 37.15 37.48
C ARG D 157 -9.01 35.89 36.69
N PHE D 158 -7.77 35.42 36.83
CA PHE D 158 -7.39 34.17 36.17
C PHE D 158 -8.16 32.99 36.74
N LYS D 159 -8.33 32.94 38.07
CA LYS D 159 -9.06 31.85 38.68
C LYS D 159 -10.46 31.76 38.10
N GLU D 160 -11.15 32.90 37.96
CA GLU D 160 -12.46 32.90 37.32
C GLU D 160 -12.38 32.39 35.90
N LYS D 161 -11.37 32.81 35.15
CA LYS D 161 -11.19 32.31 33.79
C LYS D 161 -10.93 30.81 33.78
N LEU D 162 -10.06 30.33 34.66
CA LEU D 162 -9.75 28.91 34.73
C LEU D 162 -10.98 28.08 35.04
N HIS D 163 -11.80 28.54 35.98
CA HIS D 163 -13.01 27.81 36.33
C HIS D 163 -13.97 27.74 35.16
N LYS D 164 -14.17 28.88 34.48
CA LYS D 164 -15.05 28.92 33.31
C LYS D 164 -14.62 27.92 32.26
N LEU D 165 -13.31 27.85 31.97
CA LEU D 165 -12.83 26.91 30.96
C LEU D 165 -13.06 25.47 31.37
N LEU D 166 -12.76 25.13 32.63
CA LEU D 166 -12.98 23.76 33.07
C LEU D 166 -14.44 23.37 32.94
N VAL D 167 -15.35 24.26 33.33
CA VAL D 167 -16.78 23.94 33.23
C VAL D 167 -17.21 23.82 31.76
N GLN D 168 -16.73 24.73 30.90
CA GLN D 168 -17.14 24.67 29.51
C GLN D 168 -16.40 23.62 28.71
N GLY D 169 -15.20 23.23 29.13
CA GLY D 169 -14.36 22.43 28.25
C GLY D 169 -13.47 23.28 27.37
N ILE D 170 -12.31 22.73 27.02
CA ILE D 170 -11.26 23.49 26.37
C ILE D 170 -11.15 23.02 24.92
N ALA D 171 -11.51 23.91 23.99
CA ALA D 171 -11.34 23.62 22.58
C ALA D 171 -9.85 23.59 22.23
N LEU D 172 -9.41 22.48 21.65
CA LEU D 172 -8.05 22.34 21.14
C LEU D 172 -8.12 22.15 19.64
N LYS D 173 -7.21 22.81 18.92
CA LYS D 173 -7.05 22.64 17.49
C LYS D 173 -5.59 22.28 17.26
N GLN D 174 -5.35 21.22 16.48
CA GLN D 174 -4.01 20.67 16.38
C GLN D 174 -3.07 21.65 15.68
N ILE D 175 -1.80 21.57 16.06
CA ILE D 175 -0.76 22.45 15.54
C ILE D 175 -0.37 22.02 14.13
N GLU D 176 -0.17 23.00 13.23
CA GLU D 176 0.24 22.75 11.85
C GLU D 176 1.75 22.55 11.82
N LEU D 177 2.16 21.29 11.94
CA LEU D 177 3.58 20.96 12.02
C LEU D 177 3.72 19.46 11.68
N HIS D 178 4.72 19.13 10.88
CA HIS D 178 4.95 17.78 10.41
C HIS D 178 6.44 17.49 10.49
N TYR D 179 6.80 16.21 10.51
CA TYR D 179 8.20 15.84 10.66
C TYR D 179 8.81 15.24 9.39
N GLY D 180 8.18 15.44 8.24
CA GLY D 180 8.68 14.88 6.99
C GLY D 180 8.14 13.49 6.69
N ALA D 181 8.19 13.14 5.41
CA ALA D 181 7.48 11.95 4.93
C ALA D 181 7.97 10.66 5.59
N GLU D 182 9.27 10.53 5.84
CA GLU D 182 9.76 9.28 6.40
C GLU D 182 9.31 9.11 7.86
N PHE D 183 9.65 10.09 8.70
CA PHE D 183 9.36 9.98 10.13
C PHE D 183 7.87 9.93 10.41
N GLU D 184 7.09 10.75 9.69
CA GLU D 184 5.63 10.72 9.83
C GLU D 184 5.07 9.35 9.49
N SER D 185 5.68 8.68 8.50
CA SER D 185 5.26 7.33 8.16
C SER D 185 5.60 6.34 9.27
N LEU D 186 6.74 6.53 9.92
CA LEU D 186 7.05 5.73 11.10
C LEU D 186 6.05 5.99 12.21
N ILE D 187 5.64 7.25 12.39
CA ILE D 187 4.68 7.57 13.44
C ILE D 187 3.40 6.79 13.24
N HIS D 188 2.84 6.85 12.03
CA HIS D 188 1.55 6.21 11.76
C HIS D 188 1.63 4.69 11.88
N GLU D 189 2.79 4.09 11.56
CA GLU D 189 2.93 2.66 11.79
C GLU D 189 2.83 2.33 13.27
N LEU D 190 3.38 3.19 14.13
CA LEU D 190 3.46 2.88 15.55
C LEU D 190 2.17 3.23 16.28
N GLU D 191 1.43 4.21 15.77
CA GLU D 191 0.25 4.72 16.49
C GLU D 191 -0.75 3.67 16.95
N PRO D 192 -1.06 2.61 16.17
CA PRO D 192 -2.14 1.70 16.60
C PRO D 192 -1.88 0.96 17.89
N MET D 193 -0.65 0.87 18.36
CA MET D 193 -0.41 0.23 19.64
C MET D 193 -0.36 1.23 20.79
N PHE D 194 -0.61 2.51 20.51
CA PHE D 194 -0.77 3.53 21.54
C PHE D 194 -2.18 4.13 21.54
N ALA D 195 -3.15 3.42 20.96
CA ALA D 195 -4.50 3.92 20.90
C ALA D 195 -5.18 3.78 22.26
N GLU D 196 -6.17 4.64 22.50
CA GLU D 196 -7.01 4.60 23.71
C GLU D 196 -6.17 4.73 24.97
N GLN D 197 -5.44 5.85 25.07
CA GLN D 197 -4.77 6.25 26.29
C GLN D 197 -5.18 7.68 26.62
N ALA D 198 -4.60 8.23 27.70
CA ALA D 198 -4.90 9.61 28.08
C ALA D 198 -4.20 10.60 27.13
N VAL D 199 -3.06 10.20 26.63
CA VAL D 199 -2.22 10.97 25.73
C VAL D 199 -2.45 10.49 24.31
N SER D 200 -2.24 11.36 23.33
CA SER D 200 -2.46 10.96 21.94
C SER D 200 -1.51 9.84 21.53
N ALA D 201 -2.01 8.91 20.72
CA ALA D 201 -1.15 7.86 20.18
C ALA D 201 0.01 8.46 19.39
N ARG D 202 -0.25 9.56 18.68
CA ARG D 202 0.80 10.24 17.91
C ARG D 202 1.94 10.67 18.80
N ALA D 203 1.61 11.27 19.95
CA ALA D 203 2.64 11.70 20.89
C ALA D 203 3.42 10.51 21.44
N LEU D 204 2.71 9.44 21.80
CA LEU D 204 3.37 8.24 22.30
C LEU D 204 4.24 7.59 21.24
N ALA D 205 3.73 7.51 20.00
CA ALA D 205 4.55 6.96 18.93
C ALA D 205 5.82 7.78 18.74
N ILE D 206 5.70 9.11 18.85
CA ILE D 206 6.88 9.96 18.77
C ILE D 206 7.81 9.67 19.95
N ARG D 207 7.26 9.64 21.16
CA ARG D 207 8.09 9.30 22.33
C ARG D 207 8.80 7.97 22.12
N ALA D 208 8.08 6.97 21.61
CA ALA D 208 8.69 5.66 21.37
C ALA D 208 9.83 5.74 20.37
N LEU D 209 9.65 6.48 19.27
CA LEU D 209 10.70 6.60 18.27
C LEU D 209 11.90 7.33 18.83
N GLU D 210 11.66 8.23 19.79
CA GLU D 210 12.70 8.94 20.51
C GLU D 210 13.33 8.10 21.60
N ASN D 211 12.90 6.85 21.75
CA ASN D 211 13.40 5.92 22.76
C ASN D 211 13.04 6.37 24.18
N ASP D 212 11.89 7.00 24.35
CA ASP D 212 11.38 7.33 25.68
C ASP D 212 11.23 6.05 26.50
N ARG D 213 12.01 5.95 27.58
CA ARG D 213 12.07 4.72 28.35
C ARG D 213 10.73 4.39 29.01
N LEU D 214 10.05 5.39 29.55
CA LEU D 214 8.77 5.14 30.22
C LEU D 214 7.76 4.51 29.28
N VAL D 215 7.60 5.09 28.08
CA VAL D 215 6.68 4.55 27.10
C VAL D 215 7.15 3.17 26.63
N ILE D 216 8.44 3.05 26.35
CA ILE D 216 8.99 1.81 25.78
C ILE D 216 8.93 0.69 26.80
N ASN D 217 9.14 1.00 28.08
CA ASN D 217 9.07 -0.07 29.07
C ASN D 217 7.65 -0.59 29.28
N GLY D 218 6.63 0.19 28.90
CA GLY D 218 5.26 -0.28 28.95
C GLY D 218 4.82 -1.20 27.82
N LEU D 219 5.63 -1.34 26.77
CA LEU D 219 5.24 -2.15 25.63
C LEU D 219 5.34 -3.63 25.96
N LYS D 220 4.74 -4.45 25.10
CA LYS D 220 5.10 -5.86 25.06
C LYS D 220 6.52 -6.00 24.53
N GLU D 221 7.15 -7.13 24.85
CA GLU D 221 8.47 -7.39 24.28
C GLU D 221 8.39 -7.50 22.76
N ALA D 222 7.27 -8.01 22.24
CA ALA D 222 7.03 -7.99 20.80
C ALA D 222 6.97 -6.55 20.29
N GLU D 223 6.24 -5.69 20.99
CA GLU D 223 6.07 -4.31 20.55
C GLU D 223 7.38 -3.55 20.63
N ARG D 224 8.20 -3.82 21.66
CA ARG D 224 9.49 -3.15 21.78
C ARG D 224 10.38 -3.44 20.57
N GLN D 225 10.42 -4.71 20.14
CA GLN D 225 11.22 -5.05 18.98
C GLN D 225 10.74 -4.31 17.74
N ASN D 226 9.43 -4.15 17.62
CA ASN D 226 8.88 -3.35 16.52
C ASN D 226 9.41 -1.93 16.57
N VAL D 227 9.38 -1.30 17.75
CA VAL D 227 9.88 0.06 17.88
C VAL D 227 11.36 0.11 17.52
N GLU D 228 12.18 -0.67 18.24
CA GLU D 228 13.62 -0.59 18.06
C GLU D 228 14.03 -0.96 16.63
N GLN D 229 13.25 -1.81 15.97
CA GLN D 229 13.48 -2.05 14.54
C GLN D 229 13.14 -0.83 13.70
N ARG D 230 12.14 -0.06 14.11
CA ARG D 230 11.81 1.18 13.40
C ARG D 230 12.89 2.23 13.62
N GLN D 231 13.45 2.29 14.83
CA GLN D 231 14.50 3.27 15.11
C GLN D 231 15.70 3.01 14.23
N HIS D 232 16.05 1.76 14.03
CA HIS D 232 16.98 1.41 12.97
C HIS D 232 16.25 1.41 11.62
N GLU D 233 17.03 1.48 10.56
CA GLU D 233 16.54 1.61 9.17
C GLU D 233 16.00 3.00 8.92
N CYS D 234 15.83 3.81 9.97
CA CYS D 234 15.46 5.20 9.78
C CYS D 234 16.70 5.96 9.34
N GLN D 235 16.64 6.54 8.14
CA GLN D 235 17.86 7.05 7.53
C GLN D 235 18.36 8.32 8.22
N VAL D 236 17.47 9.14 8.74
CA VAL D 236 17.87 10.37 9.40
C VAL D 236 17.94 10.12 10.90
N ASP D 237 18.83 10.85 11.56
CA ASP D 237 18.90 10.85 13.02
C ASP D 237 17.60 11.43 13.58
N ILE D 238 16.90 10.61 14.37
CA ILE D 238 15.61 11.04 14.91
C ILE D 238 15.78 12.20 15.88
N ASP D 239 16.83 12.16 16.70
CA ASP D 239 17.02 13.20 17.71
C ASP D 239 17.27 14.57 17.09
N LEU D 240 18.12 14.62 16.06
CA LEU D 240 18.31 15.87 15.34
C LEU D 240 17.04 16.29 14.62
N LEU D 241 16.30 15.34 14.07
CA LEU D 241 15.16 15.66 13.24
C LEU D 241 14.06 16.36 14.04
N VAL D 242 13.57 15.73 15.12
CA VAL D 242 12.46 16.31 15.86
C VAL D 242 12.87 17.62 16.53
N ALA D 243 14.14 17.77 16.90
CA ALA D 243 14.58 19.02 17.52
C ALA D 243 14.69 20.11 16.47
N ASN D 244 15.25 19.79 15.30
CA ASN D 244 15.34 20.78 14.22
C ASN D 244 13.96 21.26 13.82
N VAL D 245 13.01 20.32 13.68
CA VAL D 245 11.67 20.67 13.23
C VAL D 245 11.03 21.63 14.22
N ARG D 246 11.10 21.31 15.51
CA ARG D 246 10.45 22.15 16.51
C ARG D 246 11.15 23.51 16.63
N TYR D 247 12.49 23.51 16.66
CA TYR D 247 13.22 24.77 16.79
C TYR D 247 12.99 25.68 15.59
N THR D 248 12.89 25.10 14.39
CA THR D 248 12.59 25.88 13.19
C THR D 248 11.16 26.40 13.21
N TYR D 249 10.22 25.56 13.67
CA TYR D 249 8.85 26.02 13.79
C TYR D 249 8.77 27.17 14.81
N LEU D 250 9.47 27.04 15.93
CA LEU D 250 9.37 28.05 16.98
C LEU D 250 10.14 29.32 16.64
N HIS D 251 11.27 29.21 15.93
CA HIS D 251 12.00 30.42 15.56
C HIS D 251 11.17 31.28 14.62
N GLU D 252 10.48 30.64 13.67
CA GLU D 252 9.68 31.38 12.71
C GLU D 252 8.38 31.87 13.33
N LEU D 253 7.80 31.13 14.27
CA LEU D 253 6.64 31.62 15.01
C LEU D 253 6.98 32.89 15.78
N CYS D 254 8.13 32.89 16.49
CA CYS D 254 8.44 34.03 17.34
C CYS D 254 8.85 35.23 16.51
N THR D 255 9.39 35.00 15.32
CA THR D 255 9.60 36.05 14.34
C THR D 255 8.30 36.80 14.03
N HIS D 256 7.19 36.06 13.94
CA HIS D 256 5.90 36.66 13.61
C HIS D 256 5.20 37.25 14.83
N VAL D 257 5.52 36.79 16.03
CA VAL D 257 4.72 37.10 17.20
C VAL D 257 5.38 38.12 18.12
N ARG D 258 6.70 38.20 18.12
CA ARG D 258 7.47 39.03 19.03
C ARG D 258 8.02 40.23 18.25
N ARG D 259 7.73 41.43 18.73
CA ARG D 259 8.20 42.66 18.11
C ARG D 259 8.82 43.55 19.18
N THR D 260 9.98 44.08 18.89
CA THR D 260 10.59 45.01 19.80
C THR D 260 10.41 46.40 19.24
#